data_6WZM
#
_entry.id   6WZM
#
_cell.length_a   65.012
_cell.length_b   103.629
_cell.length_c   193.289
_cell.angle_alpha   90.000
_cell.angle_beta   90.000
_cell.angle_gamma   90.000
#
_symmetry.space_group_name_H-M   'P 21 21 21'
#
loop_
_entity.id
_entity.type
_entity.pdbx_description
1 polymer 'LY3041658 Fab heavy chain'
2 polymer 'LY3041658 Fab light chain'
3 polymer Interleukin-8
4 non-polymer 1,2-ETHANEDIOL
5 non-polymer 'TETRAETHYLENE GLYCOL'
6 water water
#
loop_
_entity_poly.entity_id
_entity_poly.type
_entity_poly.pdbx_seq_one_letter_code
_entity_poly.pdbx_strand_id
1 'polypeptide(L)'
;QVQLVQSGAEVKKPGASVKVSCKASGYEFTSYWIHWVRQAPGQGLEWMGNISPNSGSANYNEKFKSRVTMTRDTSTSTVY
MELSSLRSEDTAVYYCAREGPYSYYPSREYYGSDLWGQGTLVTVSSASTKGPSVFPLAPCSRSTSESTAALGCLVKDYFP
EPVTVSWNSGALTSGVHTFPAVLQSSGLYSLSSVVTVPSSSLGTKTYTCNVDHKPSNTKVDKRV
;
A,C
2 'polypeptide(L)'
;EIVLTQSPATLSLSPGERATLSCRASQSISNNLHWYQQKPGQAPRLLIYYTSRSVSGIPARFSGSGSGTDFTLTISSLEP
EDFAVYYCGQNNEWPEVFGGGTKVEIKRTVAAPSVFIFPPSDEQLKSGTASVVCLLNNFYPREAKVQWKVDNALQSGNSQ
ESVTEQDSKDSTYSLSSTLTLSKADYEKHKVYACEVTHQGLSSPVTKSFNRGEC
;
B,D
3 'polypeptide(L)' SAKELRCQCIKTYSKPFHPKFIKELRVIESGPHCANTEIIVKLSDGRELCLDPKENWVQRVVEKFL E,F
#
# COMPACT_ATOMS: atom_id res chain seq x y z
N GLN A 1 20.60 1.65 34.18
CA GLN A 1 20.79 0.21 33.98
C GLN A 1 19.48 -0.53 33.53
N VAL A 2 19.21 -0.49 32.21
CA VAL A 2 18.09 -1.19 31.54
C VAL A 2 18.51 -2.67 31.46
N GLN A 3 17.77 -3.56 32.13
CA GLN A 3 18.14 -4.97 32.18
C GLN A 3 16.96 -5.92 32.15
N LEU A 4 17.24 -7.15 31.71
CA LEU A 4 16.36 -8.31 31.75
C LEU A 4 17.23 -9.37 32.37
N VAL A 5 16.93 -9.76 33.62
CA VAL A 5 17.74 -10.72 34.36
C VAL A 5 16.96 -12.01 34.53
N GLN A 6 17.54 -13.10 34.02
CA GLN A 6 16.90 -14.40 34.08
C GLN A 6 17.44 -15.25 35.20
N SER A 7 16.61 -16.20 35.69
CA SER A 7 17.01 -17.16 36.69
C SER A 7 18.14 -18.08 36.15
N GLY A 8 18.87 -18.72 37.06
CA GLY A 8 20.01 -19.60 36.77
C GLY A 8 19.70 -20.87 36.00
N ALA A 9 20.75 -21.56 35.56
CA ALA A 9 20.69 -22.82 34.81
C ALA A 9 19.87 -23.88 35.57
N GLU A 10 19.15 -24.71 34.81
CA GLU A 10 18.28 -25.73 35.35
C GLU A 10 18.62 -27.05 34.72
N VAL A 11 18.50 -28.12 35.53
CA VAL A 11 18.73 -29.48 35.13
C VAL A 11 17.46 -30.24 35.54
N LYS A 12 16.74 -30.75 34.54
CA LYS A 12 15.50 -31.46 34.76
C LYS A 12 15.50 -32.83 34.13
N LYS A 13 14.71 -33.72 34.73
CA LYS A 13 14.53 -35.10 34.28
C LYS A 13 13.43 -35.13 33.22
N PRO A 14 13.45 -36.07 32.25
CA PRO A 14 12.33 -36.14 31.27
C PRO A 14 10.97 -36.29 31.98
N GLY A 15 9.94 -35.63 31.45
CA GLY A 15 8.59 -35.64 32.01
C GLY A 15 8.37 -34.55 33.02
N ALA A 16 9.46 -33.99 33.59
CA ALA A 16 9.37 -32.93 34.59
C ALA A 16 8.94 -31.56 34.01
N SER A 17 8.89 -30.55 34.87
CA SER A 17 8.50 -29.20 34.50
CA SER A 17 8.51 -29.20 34.48
C SER A 17 9.60 -28.23 34.89
N VAL A 18 9.70 -27.10 34.17
CA VAL A 18 10.67 -26.07 34.48
C VAL A 18 9.98 -24.72 34.44
N LYS A 19 10.37 -23.83 35.36
CA LYS A 19 9.79 -22.49 35.42
C LYS A 19 10.98 -21.53 35.44
N VAL A 20 11.08 -20.72 34.38
CA VAL A 20 12.17 -19.75 34.22
C VAL A 20 11.59 -18.37 34.43
N SER A 21 12.35 -17.49 35.08
CA SER A 21 11.90 -16.13 35.35
C SER A 21 12.72 -15.11 34.61
N CYS A 22 12.14 -13.96 34.38
CA CYS A 22 12.75 -12.86 33.69
C CYS A 22 12.34 -11.59 34.42
N LYS A 23 13.26 -10.98 35.17
CA LYS A 23 13.00 -9.72 35.88
C LYS A 23 13.49 -8.50 35.07
N ALA A 24 12.57 -7.59 34.83
CA ALA A 24 12.77 -6.35 34.10
C ALA A 24 13.13 -5.21 35.07
N SER A 25 14.15 -4.41 34.72
CA SER A 25 14.56 -3.25 35.55
C SER A 25 15.03 -2.09 34.68
N GLY A 26 14.85 -0.88 35.21
CA GLY A 26 15.33 0.33 34.57
C GLY A 26 14.50 0.89 33.44
N TYR A 27 13.25 0.42 33.29
CA TYR A 27 12.36 0.93 32.23
C TYR A 27 10.90 0.75 32.62
N GLU A 28 9.99 1.36 31.84
CA GLU A 28 8.54 1.27 32.00
C GLU A 28 8.06 -0.12 31.59
N PHE A 29 7.96 -1.04 32.56
CA PHE A 29 7.56 -2.43 32.39
C PHE A 29 6.37 -2.67 31.45
N THR A 30 5.31 -1.85 31.59
CA THR A 30 4.06 -1.99 30.87
C THR A 30 4.12 -1.58 29.39
N SER A 31 5.17 -0.90 28.94
CA SER A 31 5.26 -0.43 27.57
C SER A 31 5.86 -1.41 26.56
N TYR A 32 6.38 -2.55 27.03
CA TYR A 32 7.07 -3.52 26.17
C TYR A 32 6.53 -4.92 26.31
N TRP A 33 6.31 -5.63 25.17
CA TRP A 33 5.98 -7.07 25.17
C TRP A 33 7.20 -7.84 25.65
N ILE A 34 6.99 -8.96 26.34
CA ILE A 34 8.07 -9.86 26.75
C ILE A 34 7.87 -11.18 25.99
N HIS A 35 8.81 -11.51 25.08
CA HIS A 35 8.85 -12.74 24.27
C HIS A 35 9.77 -13.73 24.91
N TRP A 36 9.51 -15.02 24.65
CA TRP A 36 10.39 -16.12 25.05
C TRP A 36 10.85 -16.76 23.74
N VAL A 37 12.16 -16.87 23.56
CA VAL A 37 12.79 -17.42 22.36
C VAL A 37 13.80 -18.44 22.84
N ARG A 38 13.79 -19.64 22.30
CA ARG A 38 14.76 -20.63 22.71
C ARG A 38 15.78 -20.93 21.59
N GLN A 39 16.95 -21.40 22.00
CA GLN A 39 18.02 -21.78 21.10
C GLN A 39 18.61 -23.11 21.53
N ALA A 40 18.27 -24.17 20.82
CA ALA A 40 18.82 -25.52 21.05
C ALA A 40 20.30 -25.51 20.63
N PRO A 41 21.18 -26.34 21.27
CA PRO A 41 22.62 -26.28 20.94
C PRO A 41 22.97 -26.35 19.45
N GLY A 42 23.72 -25.35 18.99
CA GLY A 42 24.16 -25.24 17.60
C GLY A 42 23.05 -24.90 16.61
N GLN A 43 21.84 -24.58 17.12
CA GLN A 43 20.70 -24.28 16.26
C GLN A 43 20.37 -22.78 16.22
N GLY A 44 19.26 -22.46 15.54
CA GLY A 44 18.74 -21.12 15.37
C GLY A 44 17.80 -20.72 16.50
N LEU A 45 17.00 -19.68 16.26
CA LEU A 45 16.09 -19.12 17.25
C LEU A 45 14.67 -19.54 17.00
N GLU A 46 13.95 -19.86 18.09
CA GLU A 46 12.57 -20.30 17.99
C GLU A 46 11.68 -19.60 19.03
N TRP A 47 10.69 -18.82 18.54
CA TRP A 47 9.71 -18.09 19.36
C TRP A 47 8.74 -19.05 20.06
N MET A 48 8.59 -18.90 21.35
CA MET A 48 7.70 -19.78 22.11
C MET A 48 6.42 -19.12 22.36
N GLY A 49 6.52 -17.82 22.53
CA GLY A 49 5.34 -17.01 22.76
C GLY A 49 5.73 -15.76 23.49
N ASN A 50 4.72 -15.00 23.91
CA ASN A 50 4.91 -13.76 24.63
C ASN A 50 3.79 -13.53 25.63
N ILE A 51 3.86 -12.37 26.29
CA ILE A 51 2.89 -11.92 27.27
C ILE A 51 2.94 -10.40 27.38
N SER A 52 1.77 -9.80 27.54
CA SER A 52 1.63 -8.37 27.79
C SER A 52 1.82 -8.23 29.28
N PRO A 53 2.67 -7.29 29.73
CA PRO A 53 2.88 -7.12 31.17
C PRO A 53 1.69 -6.48 31.89
N ASN A 54 0.77 -5.86 31.14
CA ASN A 54 -0.41 -5.21 31.71
C ASN A 54 -1.50 -6.22 31.98
N SER A 55 -1.99 -6.88 30.91
CA SER A 55 -3.06 -7.85 31.02
C SER A 55 -2.66 -9.17 31.62
N GLY A 56 -1.42 -9.61 31.34
CA GLY A 56 -0.98 -10.93 31.77
C GLY A 56 -1.60 -12.00 30.90
N SER A 57 -1.99 -11.59 29.70
CA SER A 57 -2.60 -12.37 28.65
C SER A 57 -1.50 -12.75 27.63
N ALA A 58 -1.22 -14.06 27.59
CA ALA A 58 -0.13 -14.68 26.85
C ALA A 58 -0.52 -15.28 25.51
N ASN A 59 0.40 -15.16 24.53
CA ASN A 59 0.23 -15.66 23.18
C ASN A 59 1.28 -16.72 22.95
N TYR A 60 0.86 -17.90 22.49
CA TYR A 60 1.76 -19.01 22.34
C TYR A 60 1.91 -19.46 20.93
N ASN A 61 3.08 -20.03 20.65
CA ASN A 61 3.36 -20.71 19.42
C ASN A 61 2.53 -22.04 19.53
N GLU A 62 1.68 -22.33 18.53
CA GLU A 62 0.83 -23.54 18.45
C GLU A 62 1.60 -24.83 18.79
N LYS A 63 2.90 -24.87 18.44
CA LYS A 63 3.82 -25.97 18.74
C LYS A 63 3.96 -26.26 20.26
N PHE A 64 3.89 -25.25 21.13
CA PHE A 64 4.08 -25.47 22.56
C PHE A 64 2.87 -25.20 23.45
N LYS A 65 1.76 -24.65 22.87
CA LYS A 65 0.51 -24.28 23.58
C LYS A 65 0.03 -25.32 24.61
N SER A 66 0.14 -26.62 24.28
CA SER A 66 -0.28 -27.69 25.19
C SER A 66 0.58 -27.79 26.46
N ARG A 67 1.89 -27.42 26.37
CA ARG A 67 2.91 -27.58 27.43
C ARG A 67 3.47 -26.32 28.06
N VAL A 68 3.14 -25.14 27.54
CA VAL A 68 3.77 -23.93 28.04
C VAL A 68 2.77 -22.94 28.64
N THR A 69 3.20 -22.31 29.73
CA THR A 69 2.43 -21.29 30.41
C THR A 69 3.29 -20.06 30.66
N MET A 70 2.79 -18.90 30.31
CA MET A 70 3.47 -17.65 30.58
C MET A 70 2.61 -16.81 31.49
N THR A 71 3.22 -16.28 32.55
CA THR A 71 2.57 -15.44 33.56
C THR A 71 3.46 -14.25 33.88
N ARG A 72 2.89 -13.25 34.54
CA ARG A 72 3.63 -12.09 34.98
C ARG A 72 3.19 -11.65 36.35
N ASP A 73 4.07 -10.91 37.01
CA ASP A 73 3.88 -10.34 38.33
C ASP A 73 4.27 -8.87 38.22
N THR A 74 3.29 -7.99 38.01
CA THR A 74 3.55 -6.55 37.85
C THR A 74 4.22 -5.94 39.08
N SER A 75 3.87 -6.46 40.29
CA SER A 75 4.46 -6.01 41.54
C SER A 75 5.99 -6.12 41.49
N THR A 76 6.52 -7.27 41.03
CA THR A 76 7.98 -7.46 40.96
C THR A 76 8.59 -7.30 39.55
N SER A 77 7.78 -6.84 38.56
CA SER A 77 8.21 -6.63 37.16
C SER A 77 8.87 -7.89 36.61
N THR A 78 8.28 -9.05 36.94
CA THR A 78 8.82 -10.34 36.57
C THR A 78 7.86 -11.11 35.71
N VAL A 79 8.41 -11.77 34.68
CA VAL A 79 7.67 -12.61 33.75
C VAL A 79 8.17 -14.03 33.92
N TYR A 80 7.28 -14.99 33.83
CA TYR A 80 7.63 -16.41 34.00
C TYR A 80 7.22 -17.23 32.81
N MET A 81 7.99 -18.26 32.55
CA MET A 81 7.66 -19.22 31.52
C MET A 81 7.78 -20.58 32.17
N GLU A 82 6.70 -21.35 32.12
CA GLU A 82 6.67 -22.70 32.64
C GLU A 82 6.50 -23.64 31.47
N LEU A 83 7.45 -24.55 31.32
CA LEU A 83 7.40 -25.54 30.26
C LEU A 83 7.29 -26.92 30.91
N SER A 84 6.23 -27.67 30.55
CA SER A 84 5.91 -29.02 31.07
C SER A 84 6.23 -30.15 30.10
N SER A 85 6.16 -31.42 30.61
CA SER A 85 6.38 -32.68 29.90
C SER A 85 7.70 -32.63 29.12
N LEU A 86 8.77 -32.28 29.85
CA LEU A 86 10.10 -32.08 29.29
C LEU A 86 10.68 -33.33 28.64
N ARG A 87 11.27 -33.15 27.46
CA ARG A 87 11.93 -34.19 26.70
C ARG A 87 13.29 -33.66 26.30
N SER A 88 14.24 -34.57 25.99
CA SER A 88 15.62 -34.26 25.62
C SER A 88 15.71 -33.09 24.64
N GLU A 89 14.75 -32.98 23.69
CA GLU A 89 14.66 -31.95 22.65
C GLU A 89 14.41 -30.53 23.17
N ASP A 90 14.00 -30.41 24.46
CA ASP A 90 13.77 -29.12 25.12
C ASP A 90 15.07 -28.54 25.69
N THR A 91 16.18 -29.32 25.65
CA THR A 91 17.49 -28.85 26.07
C THR A 91 17.82 -27.66 25.15
N ALA A 92 17.88 -26.46 25.73
CA ALA A 92 18.09 -25.20 25.02
C ALA A 92 18.40 -24.08 26.01
N VAL A 93 18.91 -22.98 25.47
CA VAL A 93 19.09 -21.72 26.19
C VAL A 93 17.78 -21.00 25.87
N TYR A 94 17.03 -20.63 26.92
CA TYR A 94 15.74 -19.94 26.83
C TYR A 94 16.00 -18.46 27.14
N TYR A 95 15.64 -17.55 26.21
CA TYR A 95 15.84 -16.11 26.36
C TYR A 95 14.52 -15.43 26.50
N CYS A 96 14.50 -14.35 27.29
CA CYS A 96 13.36 -13.46 27.30
C CYS A 96 13.86 -12.22 26.54
N ALA A 97 12.95 -11.52 25.86
CA ALA A 97 13.30 -10.37 25.07
C ALA A 97 12.18 -9.37 25.08
N ARG A 98 12.51 -8.07 25.05
CA ARG A 98 11.48 -7.04 25.07
C ARG A 98 11.34 -6.42 23.70
N GLU A 99 10.10 -6.05 23.38
CA GLU A 99 9.73 -5.39 22.12
C GLU A 99 8.80 -4.21 22.47
N GLY A 100 9.23 -3.01 22.09
CA GLY A 100 8.51 -1.78 22.36
C GLY A 100 9.39 -0.55 22.18
N PRO A 101 9.00 0.64 22.71
CA PRO A 101 7.81 0.91 23.52
C PRO A 101 6.53 1.08 22.72
N TYR A 102 5.41 0.67 23.30
CA TYR A 102 4.11 0.84 22.69
C TYR A 102 3.18 1.48 23.76
N SER A 103 2.05 2.01 23.36
CA SER A 103 1.08 2.60 24.31
C SER A 103 -0.30 2.11 23.95
N TYR A 104 -1.35 2.88 24.31
CA TYR A 104 -2.73 2.49 24.04
C TYR A 104 -3.20 2.97 22.66
N TYR A 105 -2.27 3.50 21.86
CA TYR A 105 -2.47 3.92 20.48
C TYR A 105 -1.89 2.79 19.62
N PRO A 106 -2.71 1.96 18.95
CA PRO A 106 -2.15 0.84 18.17
C PRO A 106 -1.36 1.28 16.94
N SER A 107 -0.46 0.42 16.47
CA SER A 107 0.39 0.68 15.29
C SER A 107 0.62 -0.59 14.49
N ARG A 108 1.07 -0.47 13.23
CA ARG A 108 1.39 -1.63 12.38
C ARG A 108 2.84 -1.55 11.95
N GLU A 109 3.55 -0.58 12.49
CA GLU A 109 4.99 -0.44 12.29
C GLU A 109 5.60 -0.88 13.62
N TYR A 110 6.35 -1.98 13.61
CA TYR A 110 6.89 -2.49 14.87
C TYR A 110 8.36 -2.25 15.08
N TYR A 111 8.75 -2.30 16.34
CA TYR A 111 10.13 -2.28 16.76
C TYR A 111 10.64 -3.72 16.73
N GLY A 112 11.97 -3.90 16.76
CA GLY A 112 12.55 -5.21 16.91
C GLY A 112 12.64 -5.53 18.38
N SER A 113 13.26 -6.67 18.77
CA SER A 113 13.47 -6.99 20.17
C SER A 113 14.82 -6.40 20.56
N ASP A 114 14.81 -5.19 21.18
CA ASP A 114 16.05 -4.43 21.44
C ASP A 114 16.82 -4.82 22.68
N LEU A 115 16.20 -5.58 23.59
CA LEU A 115 16.88 -5.98 24.81
C LEU A 115 16.52 -7.42 25.11
N TRP A 116 17.53 -8.21 25.42
CA TRP A 116 17.43 -9.64 25.64
C TRP A 116 18.07 -9.95 26.97
N GLY A 117 17.54 -10.96 27.67
CA GLY A 117 18.15 -11.42 28.91
C GLY A 117 19.39 -12.22 28.57
N GLN A 118 20.17 -12.61 29.58
CA GLN A 118 21.40 -13.38 29.37
C GLN A 118 21.14 -14.85 28.96
N GLY A 119 19.89 -15.27 29.03
CA GLY A 119 19.50 -16.63 28.72
C GLY A 119 19.62 -17.56 29.90
N THR A 120 18.80 -18.61 29.87
CA THR A 120 18.80 -19.64 30.89
C THR A 120 18.99 -20.96 30.18
N LEU A 121 20.02 -21.70 30.53
CA LEU A 121 20.21 -23.04 29.98
C LEU A 121 19.31 -24.00 30.73
N VAL A 122 18.47 -24.73 29.99
CA VAL A 122 17.65 -25.77 30.58
C VAL A 122 18.18 -27.09 30.02
N THR A 123 18.69 -27.98 30.87
CA THR A 123 19.16 -29.29 30.39
C THR A 123 18.14 -30.37 30.79
N VAL A 124 17.64 -31.10 29.80
CA VAL A 124 16.70 -32.20 30.03
C VAL A 124 17.49 -33.50 29.89
N SER A 125 17.72 -34.18 31.04
CA SER A 125 18.50 -35.41 31.11
C SER A 125 18.14 -36.31 32.30
N SER A 126 18.29 -37.62 32.09
CA SER A 126 18.06 -38.66 33.10
C SER A 126 19.20 -38.66 34.16
N ALA A 127 20.40 -38.21 33.76
CA ALA A 127 21.60 -38.20 34.60
C ALA A 127 21.51 -37.31 35.86
N SER A 128 22.37 -37.66 36.83
CA SER A 128 22.57 -36.98 38.10
C SER A 128 24.07 -36.61 38.20
N THR A 129 24.42 -35.61 39.04
CA THR A 129 25.80 -35.14 39.24
C THR A 129 26.82 -36.27 39.22
N LYS A 130 27.83 -36.17 38.35
CA LYS A 130 28.88 -37.16 38.22
C LYS A 130 30.16 -36.48 37.78
N GLY A 131 31.24 -36.78 38.51
CA GLY A 131 32.58 -36.30 38.20
C GLY A 131 33.14 -37.00 37.00
N PRO A 132 34.07 -36.40 36.26
CA PRO A 132 34.59 -37.07 35.06
C PRO A 132 35.72 -38.06 35.35
N SER A 133 36.04 -38.89 34.34
CA SER A 133 37.17 -39.79 34.31
C SER A 133 38.14 -39.14 33.31
N VAL A 134 39.44 -39.03 33.63
CA VAL A 134 40.37 -38.38 32.73
C VAL A 134 41.32 -39.42 32.16
N PHE A 135 41.42 -39.48 30.84
CA PHE A 135 42.31 -40.45 30.19
C PHE A 135 43.31 -39.73 29.32
N PRO A 136 44.54 -40.25 29.18
CA PRO A 136 45.51 -39.59 28.33
C PRO A 136 45.22 -39.76 26.84
N LEU A 137 45.75 -38.86 26.00
CA LEU A 137 45.71 -38.94 24.56
C LEU A 137 47.15 -38.82 24.10
N ALA A 138 47.74 -39.95 23.77
CA ALA A 138 49.12 -40.00 23.33
C ALA A 138 49.21 -40.87 22.10
N PRO A 139 50.16 -40.62 21.18
CA PRO A 139 50.29 -41.53 20.02
C PRO A 139 50.61 -42.97 20.45
N CYS A 140 50.40 -43.96 19.54
CA CYS A 140 50.70 -45.36 19.87
C CYS A 140 52.23 -45.47 20.08
N SER A 141 53.02 -44.97 19.11
CA SER A 141 54.48 -44.92 19.15
C SER A 141 54.96 -43.49 19.34
N ARG A 142 55.82 -43.25 20.33
CA ARG A 142 56.37 -41.93 20.61
C ARG A 142 57.39 -41.43 19.53
N SER A 143 57.24 -41.88 18.25
CA SER A 143 58.10 -41.49 17.13
C SER A 143 57.34 -40.61 16.11
N GLU A 146 58.09 -36.84 12.15
CA GLU A 146 57.41 -35.54 12.03
C GLU A 146 57.91 -34.52 13.06
N SER A 147 57.90 -33.21 12.72
CA SER A 147 58.38 -32.15 13.62
C SER A 147 57.42 -31.86 14.79
N THR A 148 56.11 -31.93 14.53
CA THR A 148 55.08 -31.67 15.52
C THR A 148 54.39 -32.95 16.00
N ALA A 149 54.01 -32.97 17.28
CA ALA A 149 53.33 -34.08 17.93
C ALA A 149 52.13 -33.54 18.68
N ALA A 150 51.17 -34.41 18.96
CA ALA A 150 49.99 -33.98 19.69
C ALA A 150 49.77 -34.87 20.86
N LEU A 151 49.31 -34.28 21.94
CA LEU A 151 48.96 -34.94 23.17
C LEU A 151 47.73 -34.28 23.66
N GLY A 152 47.02 -34.95 24.54
CA GLY A 152 45.83 -34.35 25.10
C GLY A 152 45.29 -35.17 26.22
N CYS A 153 44.14 -34.76 26.70
CA CYS A 153 43.36 -35.37 27.77
C CYS A 153 41.93 -35.56 27.28
N LEU A 154 41.34 -36.72 27.57
CA LEU A 154 39.94 -37.00 27.26
C LEU A 154 39.22 -36.97 28.58
N VAL A 155 38.33 -36.01 28.75
CA VAL A 155 37.54 -35.78 29.96
C VAL A 155 36.16 -36.38 29.70
N LYS A 156 35.96 -37.63 30.13
CA LYS A 156 34.76 -38.41 29.85
C LYS A 156 33.77 -38.61 30.98
N ASP A 157 32.49 -38.69 30.60
CA ASP A 157 31.33 -39.02 31.43
C ASP A 157 31.15 -38.17 32.68
N TYR A 158 30.82 -36.88 32.48
CA TYR A 158 30.49 -35.99 33.58
C TYR A 158 29.10 -35.39 33.44
N PHE A 159 28.63 -34.73 34.51
CA PHE A 159 27.33 -34.07 34.58
C PHE A 159 27.17 -33.23 35.86
N PRO A 160 26.64 -31.99 35.79
CA PRO A 160 26.29 -31.23 34.60
C PRO A 160 27.53 -30.51 34.06
N GLU A 161 27.36 -29.63 33.04
CA GLU A 161 28.46 -28.83 32.50
C GLU A 161 28.69 -27.68 33.52
N PRO A 162 29.88 -27.00 33.55
CA PRO A 162 31.05 -27.16 32.68
C PRO A 162 32.22 -27.87 33.37
N VAL A 163 33.28 -28.06 32.59
CA VAL A 163 34.57 -28.57 32.97
C VAL A 163 35.59 -27.55 32.46
N THR A 164 36.53 -27.12 33.31
CA THR A 164 37.61 -26.20 32.91
C THR A 164 38.89 -27.00 32.72
N VAL A 165 39.67 -26.67 31.66
CA VAL A 165 40.92 -27.36 31.37
C VAL A 165 42.04 -26.38 31.07
N SER A 166 43.17 -26.54 31.75
CA SER A 166 44.39 -25.78 31.51
C SER A 166 45.54 -26.78 31.36
N TRP A 167 46.65 -26.32 30.82
CA TRP A 167 47.85 -27.11 30.60
C TRP A 167 49.01 -26.43 31.33
N ASN A 168 49.77 -27.23 32.12
CA ASN A 168 50.93 -26.82 32.92
C ASN A 168 50.59 -25.63 33.80
N SER A 169 49.49 -25.77 34.55
CA SER A 169 48.90 -24.79 35.47
C SER A 169 48.68 -23.37 34.85
N GLY A 170 48.47 -23.32 33.54
CA GLY A 170 48.21 -22.08 32.82
C GLY A 170 49.40 -21.53 32.06
N ALA A 171 50.58 -22.12 32.27
CA ALA A 171 51.80 -21.70 31.59
C ALA A 171 51.75 -21.99 30.12
N LEU A 172 51.15 -23.13 29.73
CA LEU A 172 51.03 -23.56 28.34
C LEU A 172 49.63 -23.16 27.79
N THR A 173 49.63 -22.25 26.80
CA THR A 173 48.39 -21.73 26.21
C THR A 173 48.44 -21.81 24.69
N SER A 174 49.64 -21.71 24.12
CA SER A 174 49.91 -21.77 22.71
C SER A 174 49.74 -23.20 22.20
N GLY A 175 48.99 -23.35 21.11
CA GLY A 175 48.73 -24.64 20.47
C GLY A 175 47.68 -25.48 21.16
N VAL A 176 47.00 -24.91 22.16
CA VAL A 176 45.96 -25.57 22.93
C VAL A 176 44.58 -25.43 22.27
N HIS A 177 43.85 -26.56 22.15
CA HIS A 177 42.49 -26.56 21.66
C HIS A 177 41.65 -27.38 22.61
N THR A 178 40.88 -26.71 23.45
CA THR A 178 39.92 -27.39 24.32
C THR A 178 38.57 -27.36 23.57
N PHE A 179 38.08 -28.54 23.16
CA PHE A 179 36.85 -28.69 22.41
C PHE A 179 35.62 -28.50 23.23
N PRO A 180 34.52 -27.96 22.63
CA PRO A 180 33.24 -27.88 23.37
C PRO A 180 32.75 -29.29 23.75
N ALA A 181 32.06 -29.43 24.89
CA ALA A 181 31.52 -30.71 25.33
C ALA A 181 30.49 -31.26 24.35
N VAL A 182 30.40 -32.59 24.27
CA VAL A 182 29.45 -33.29 23.42
C VAL A 182 28.54 -34.10 24.37
N LEU A 183 27.23 -34.16 24.07
CA LEU A 183 26.30 -34.92 24.87
C LEU A 183 26.21 -36.29 24.26
N GLN A 184 26.61 -37.32 25.04
CA GLN A 184 26.63 -38.72 24.62
C GLN A 184 25.24 -39.33 24.72
N SER A 185 25.03 -40.47 24.03
CA SER A 185 23.74 -41.19 24.09
C SER A 185 23.41 -41.63 25.54
N SER A 186 24.45 -41.75 26.40
CA SER A 186 24.38 -42.10 27.83
C SER A 186 23.82 -40.98 28.73
N GLY A 187 23.66 -39.77 28.21
CA GLY A 187 23.17 -38.62 28.97
C GLY A 187 24.25 -37.86 29.71
N LEU A 188 25.51 -38.24 29.49
CA LEU A 188 26.67 -37.62 30.15
C LEU A 188 27.49 -36.88 29.13
N TYR A 189 28.19 -35.84 29.60
CA TYR A 189 29.03 -35.02 28.75
C TYR A 189 30.42 -35.58 28.64
N SER A 190 31.12 -35.16 27.59
CA SER A 190 32.49 -35.57 27.36
C SER A 190 33.19 -34.53 26.49
N LEU A 191 34.47 -34.25 26.77
CA LEU A 191 35.27 -33.34 25.98
C LEU A 191 36.72 -33.79 25.92
N SER A 192 37.48 -33.19 25.02
CA SER A 192 38.90 -33.39 24.87
C SER A 192 39.57 -32.02 24.86
N SER A 193 40.83 -32.00 25.30
CA SER A 193 41.69 -30.85 25.23
C SER A 193 42.99 -31.40 24.71
N VAL A 194 43.48 -30.81 23.63
CA VAL A 194 44.71 -31.22 22.96
C VAL A 194 45.71 -30.04 22.89
N VAL A 195 46.97 -30.38 22.65
CA VAL A 195 48.06 -29.44 22.46
C VAL A 195 49.02 -30.05 21.46
N THR A 196 49.47 -29.21 20.50
CA THR A 196 50.50 -29.60 19.55
C THR A 196 51.75 -29.02 20.12
N VAL A 197 52.81 -29.82 20.10
CA VAL A 197 54.12 -29.51 20.68
C VAL A 197 55.23 -30.00 19.73
N PRO A 198 56.49 -29.46 19.80
CA PRO A 198 57.56 -30.02 18.94
C PRO A 198 57.96 -31.42 19.41
N SER A 199 58.37 -32.28 18.48
CA SER A 199 58.74 -33.67 18.77
C SER A 199 59.98 -33.79 19.66
N SER A 200 60.97 -32.88 19.48
CA SER A 200 62.22 -32.84 20.23
C SER A 200 61.98 -32.59 21.73
N SER A 201 60.99 -31.73 22.08
CA SER A 201 60.61 -31.37 23.44
C SER A 201 59.98 -32.52 24.26
N LEU A 202 59.63 -33.64 23.60
CA LEU A 202 59.09 -34.81 24.29
C LEU A 202 60.26 -35.49 24.98
N GLY A 203 60.05 -35.96 26.21
CA GLY A 203 61.11 -36.57 27.01
C GLY A 203 61.77 -35.55 27.92
N THR A 204 62.08 -34.35 27.38
CA THR A 204 62.65 -33.23 28.13
C THR A 204 61.53 -32.41 28.83
N LYS A 205 60.65 -31.73 28.06
CA LYS A 205 59.54 -30.95 28.63
C LYS A 205 58.37 -31.83 29.11
N THR A 206 57.72 -31.42 30.23
CA THR A 206 56.57 -32.15 30.79
C THR A 206 55.24 -31.49 30.35
N TYR A 207 54.15 -32.29 30.17
CA TYR A 207 52.82 -31.82 29.75
C TYR A 207 51.72 -32.37 30.61
N THR A 208 51.08 -31.49 31.40
CA THR A 208 50.05 -31.85 32.38
C THR A 208 48.76 -31.08 32.20
N CYS A 209 47.64 -31.81 32.07
CA CYS A 209 46.35 -31.16 31.98
C CYS A 209 45.73 -31.04 33.35
N ASN A 210 45.16 -29.89 33.63
CA ASN A 210 44.52 -29.59 34.91
C ASN A 210 43.05 -29.46 34.62
N VAL A 211 42.26 -30.37 35.19
CA VAL A 211 40.84 -30.50 34.93
C VAL A 211 40.06 -30.20 36.19
N ASP A 212 39.07 -29.31 36.07
CA ASP A 212 38.24 -28.95 37.19
C ASP A 212 36.77 -29.11 36.82
N HIS A 213 36.02 -29.73 37.74
CA HIS A 213 34.59 -29.97 37.60
C HIS A 213 34.00 -29.69 38.96
N LYS A 214 33.75 -28.40 39.19
CA LYS A 214 33.21 -27.81 40.41
C LYS A 214 31.89 -28.42 40.90
N PRO A 215 30.90 -28.85 40.07
CA PRO A 215 29.67 -29.45 40.64
C PRO A 215 29.90 -30.70 41.50
N SER A 216 30.89 -31.55 41.12
CA SER A 216 31.26 -32.78 41.82
C SER A 216 32.61 -32.65 42.58
N ASN A 217 33.12 -31.41 42.72
CA ASN A 217 34.38 -31.01 43.35
C ASN A 217 35.59 -31.87 42.92
N THR A 218 35.62 -32.25 41.64
CA THR A 218 36.72 -33.02 41.02
C THR A 218 37.83 -32.04 40.56
N LYS A 219 39.07 -32.29 40.99
CA LYS A 219 40.29 -31.56 40.63
C LYS A 219 41.32 -32.63 40.33
N VAL A 220 41.76 -32.71 39.07
CA VAL A 220 42.65 -33.74 38.56
C VAL A 220 43.76 -33.10 37.75
N ASP A 221 45.00 -33.54 37.97
CA ASP A 221 46.14 -33.13 37.15
C ASP A 221 46.67 -34.39 36.51
N LYS A 222 46.71 -34.43 35.19
CA LYS A 222 47.23 -35.61 34.53
C LYS A 222 48.36 -35.27 33.63
N ARG A 223 49.53 -35.92 33.85
CA ARG A 223 50.71 -35.81 32.99
C ARG A 223 50.49 -36.85 31.88
N VAL A 224 50.72 -36.47 30.61
CA VAL A 224 50.44 -37.38 29.50
C VAL A 224 51.69 -37.70 28.65
N GLU B 1 2.75 -21.27 7.46
CA GLU B 1 3.55 -20.44 8.38
C GLU B 1 4.52 -19.55 7.58
N ILE B 2 5.06 -18.47 8.20
CA ILE B 2 6.07 -17.63 7.56
C ILE B 2 7.40 -18.39 7.67
N VAL B 3 8.12 -18.50 6.54
CA VAL B 3 9.45 -19.09 6.52
C VAL B 3 10.40 -18.00 6.02
N LEU B 4 11.47 -17.74 6.79
CA LEU B 4 12.48 -16.76 6.40
C LEU B 4 13.69 -17.54 5.95
N THR B 5 14.14 -17.28 4.73
CA THR B 5 15.28 -17.98 4.14
C THR B 5 16.42 -17.04 4.00
N GLN B 6 17.52 -17.32 4.71
CA GLN B 6 18.71 -16.52 4.66
C GLN B 6 19.73 -17.12 3.72
N SER B 7 20.44 -16.30 2.98
CA SER B 7 21.51 -16.79 2.10
C SER B 7 22.67 -15.79 2.06
N PRO B 8 23.92 -16.30 1.93
CA PRO B 8 24.30 -17.73 1.92
C PRO B 8 24.35 -18.19 3.39
N ALA B 9 24.54 -19.49 3.66
CA ALA B 9 24.65 -20.02 5.05
C ALA B 9 25.93 -19.50 5.73
N THR B 10 27.00 -19.31 4.95
CA THR B 10 28.28 -18.78 5.40
C THR B 10 28.78 -17.80 4.35
N LEU B 11 29.27 -16.65 4.82
CA LEU B 11 29.90 -15.59 4.07
C LEU B 11 31.34 -15.63 4.55
N SER B 12 32.30 -15.83 3.64
CA SER B 12 33.70 -15.86 4.02
C SER B 12 34.34 -14.62 3.42
N LEU B 13 34.69 -13.67 4.28
CA LEU B 13 35.21 -12.40 3.80
C LEU B 13 36.40 -11.93 4.61
N SER B 14 37.17 -11.06 4.03
CA SER B 14 38.32 -10.50 4.70
C SER B 14 37.90 -9.23 5.43
N PRO B 15 38.57 -8.81 6.52
CA PRO B 15 38.22 -7.53 7.15
C PRO B 15 38.42 -6.39 6.13
N GLY B 16 37.51 -5.41 6.16
CA GLY B 16 37.52 -4.27 5.26
C GLY B 16 36.60 -4.47 4.09
N GLU B 17 36.21 -5.73 3.79
CA GLU B 17 35.32 -5.99 2.67
C GLU B 17 33.86 -5.71 3.03
N ARG B 18 33.03 -5.58 2.00
CA ARG B 18 31.60 -5.35 2.11
C ARG B 18 30.87 -6.68 2.25
N ALA B 19 29.96 -6.79 3.23
CA ALA B 19 29.16 -7.98 3.46
C ALA B 19 27.74 -7.70 3.07
N THR B 20 27.16 -8.58 2.24
CA THR B 20 25.79 -8.46 1.76
C THR B 20 25.07 -9.75 2.19
N LEU B 21 24.07 -9.59 3.09
CA LEU B 21 23.30 -10.70 3.64
C LEU B 21 21.89 -10.57 3.19
N SER B 22 21.34 -11.66 2.70
CA SER B 22 20.00 -11.68 2.15
C SER B 22 19.01 -12.49 3.02
N CYS B 23 17.77 -12.02 3.07
CA CYS B 23 16.66 -12.69 3.78
C CYS B 23 15.45 -12.66 2.82
N ARG B 24 14.86 -13.82 2.56
CA ARG B 24 13.69 -13.95 1.72
C ARG B 24 12.52 -14.46 2.56
N ALA B 25 11.40 -13.74 2.56
CA ALA B 25 10.19 -14.14 3.30
C ALA B 25 9.28 -14.93 2.34
N SER B 26 8.66 -16.02 2.83
CA SER B 26 7.76 -16.88 2.03
C SER B 26 6.50 -16.11 1.58
N GLN B 27 6.06 -15.15 2.40
CA GLN B 27 4.88 -14.30 2.13
C GLN B 27 5.25 -12.90 2.60
N SER B 28 4.46 -11.90 2.22
CA SER B 28 4.68 -10.51 2.63
C SER B 28 4.65 -10.37 4.16
N ILE B 29 5.57 -9.55 4.71
CA ILE B 29 5.71 -9.26 6.14
C ILE B 29 5.75 -7.74 6.30
N SER B 30 5.24 -7.03 5.29
CA SER B 30 5.25 -5.56 5.21
C SER B 30 6.77 -5.19 5.34
N ASN B 31 7.13 -4.28 6.23
CA ASN B 31 8.52 -3.91 6.45
C ASN B 31 8.98 -4.33 7.85
N ASN B 32 8.17 -5.15 8.54
CA ASN B 32 8.46 -5.62 9.90
C ASN B 32 9.47 -6.78 9.91
N LEU B 33 10.68 -6.46 9.45
CA LEU B 33 11.83 -7.35 9.33
C LEU B 33 12.95 -6.67 10.09
N HIS B 34 13.59 -7.40 10.99
CA HIS B 34 14.63 -6.87 11.86
C HIS B 34 15.88 -7.74 11.78
N TRP B 35 17.05 -7.13 12.04
CA TRP B 35 18.32 -7.83 11.95
C TRP B 35 19.03 -7.95 13.29
N TYR B 36 19.53 -9.15 13.59
CA TYR B 36 20.20 -9.43 14.85
C TYR B 36 21.57 -9.99 14.63
N GLN B 37 22.47 -9.68 15.55
CA GLN B 37 23.83 -10.23 15.55
C GLN B 37 23.94 -11.14 16.76
N GLN B 38 24.54 -12.30 16.59
CA GLN B 38 24.80 -13.16 17.74
C GLN B 38 26.24 -13.70 17.72
N LYS B 39 26.96 -13.49 18.81
CA LYS B 39 28.33 -13.99 19.02
C LYS B 39 28.26 -15.21 19.95
N PRO B 40 29.27 -16.12 19.91
CA PRO B 40 29.24 -17.31 20.79
C PRO B 40 29.12 -16.99 22.28
N GLY B 41 28.18 -17.67 22.95
CA GLY B 41 27.91 -17.50 24.36
C GLY B 41 27.16 -16.24 24.74
N GLN B 42 26.61 -15.52 23.75
CA GLN B 42 25.89 -14.28 24.00
C GLN B 42 24.49 -14.34 23.44
N ALA B 43 23.63 -13.44 23.92
CA ALA B 43 22.26 -13.28 23.48
C ALA B 43 22.29 -12.52 22.15
N PRO B 44 21.25 -12.70 21.27
CA PRO B 44 21.22 -11.90 20.03
C PRO B 44 21.12 -10.42 20.33
N ARG B 45 21.59 -9.60 19.41
CA ARG B 45 21.61 -8.16 19.57
C ARG B 45 21.03 -7.49 18.34
N LEU B 46 20.00 -6.65 18.55
CA LEU B 46 19.34 -5.91 17.46
C LEU B 46 20.29 -4.94 16.77
N LEU B 47 20.30 -4.98 15.44
CA LEU B 47 21.14 -4.08 14.64
C LEU B 47 20.31 -3.04 13.90
N ILE B 48 19.30 -3.50 13.16
CA ILE B 48 18.42 -2.70 12.31
C ILE B 48 16.98 -3.17 12.56
N TYR B 49 16.02 -2.24 12.64
CA TYR B 49 14.61 -2.62 12.79
C TYR B 49 13.77 -1.99 11.66
N TYR B 50 12.56 -2.54 11.40
CA TYR B 50 11.62 -2.07 10.39
C TYR B 50 12.33 -1.84 9.05
N THR B 51 13.05 -2.88 8.60
CA THR B 51 13.80 -3.01 7.34
C THR B 51 15.06 -2.17 7.27
N SER B 52 14.96 -0.87 7.55
CA SER B 52 16.05 0.06 7.33
C SER B 52 16.32 1.03 8.46
N ARG B 53 15.49 1.01 9.51
CA ARG B 53 15.64 1.96 10.61
C ARG B 53 16.81 1.64 11.52
N SER B 54 17.46 2.72 11.94
CA SER B 54 18.65 2.79 12.75
C SER B 54 18.33 2.51 14.22
N VAL B 55 19.22 1.76 14.89
CA VAL B 55 19.16 1.36 16.30
C VAL B 55 20.27 2.13 17.04
N SER B 56 19.92 2.73 18.19
CA SER B 56 20.84 3.50 19.02
C SER B 56 22.00 2.65 19.52
N GLY B 57 23.21 3.15 19.31
CA GLY B 57 24.44 2.46 19.69
C GLY B 57 25.06 1.57 18.63
N ILE B 58 24.33 1.33 17.50
CA ILE B 58 24.82 0.46 16.42
C ILE B 58 25.63 1.27 15.40
N PRO B 59 26.86 0.81 15.02
CA PRO B 59 27.68 1.56 14.03
C PRO B 59 26.98 1.80 12.70
N ALA B 60 27.31 2.93 12.05
CA ALA B 60 26.75 3.37 10.75
C ALA B 60 27.03 2.41 9.58
N ARG B 61 28.08 1.53 9.71
CA ARG B 61 28.46 0.58 8.66
C ARG B 61 27.34 -0.44 8.33
N PHE B 62 26.38 -0.63 9.28
CA PHE B 62 25.23 -1.52 9.17
C PHE B 62 24.02 -0.80 8.56
N SER B 63 23.48 -1.34 7.47
CA SER B 63 22.29 -0.77 6.84
C SER B 63 21.40 -1.87 6.30
N GLY B 64 20.11 -1.61 6.28
CA GLY B 64 19.15 -2.58 5.80
C GLY B 64 18.32 -2.00 4.70
N SER B 65 17.83 -2.86 3.78
CA SER B 65 16.98 -2.49 2.66
C SER B 65 16.05 -3.62 2.35
N GLY B 66 14.94 -3.32 1.67
CA GLY B 66 13.90 -4.30 1.38
C GLY B 66 12.96 -3.96 0.24
N SER B 67 12.80 -4.93 -0.69
CA SER B 67 11.95 -4.80 -1.87
C SER B 67 10.99 -6.01 -1.89
N GLY B 68 9.77 -5.78 -1.41
CA GLY B 68 8.74 -6.81 -1.30
C GLY B 68 9.07 -7.81 -0.22
N THR B 69 9.28 -9.09 -0.61
CA THR B 69 9.63 -10.21 0.28
C THR B 69 11.15 -10.41 0.37
N ASP B 70 11.91 -9.51 -0.28
CA ASP B 70 13.35 -9.57 -0.33
C ASP B 70 14.01 -8.51 0.53
N PHE B 71 14.86 -8.94 1.48
CA PHE B 71 15.51 -8.04 2.45
C PHE B 71 17.03 -8.21 2.43
N THR B 72 17.75 -7.13 2.72
CA THR B 72 19.19 -7.15 2.68
C THR B 72 19.80 -6.38 3.84
N LEU B 73 20.78 -7.00 4.54
CA LEU B 73 21.61 -6.33 5.53
C LEU B 73 22.97 -6.16 4.83
N THR B 74 23.52 -4.95 4.90
CA THR B 74 24.82 -4.61 4.34
C THR B 74 25.67 -4.10 5.45
N ILE B 75 26.91 -4.60 5.52
CA ILE B 75 27.99 -4.15 6.38
C ILE B 75 28.96 -3.58 5.35
N SER B 76 29.03 -2.23 5.29
CA SER B 76 29.83 -1.47 4.31
C SER B 76 31.32 -1.86 4.32
N SER B 77 31.91 -2.05 5.51
CA SER B 77 33.30 -2.47 5.63
C SER B 77 33.41 -3.28 6.90
N LEU B 78 33.72 -4.59 6.77
CA LEU B 78 33.84 -5.51 7.91
C LEU B 78 34.95 -5.16 8.86
N GLU B 79 34.57 -4.99 10.14
CA GLU B 79 35.48 -4.77 11.26
C GLU B 79 35.70 -6.13 11.94
N PRO B 80 36.82 -6.35 12.69
CA PRO B 80 37.03 -7.68 13.33
C PRO B 80 35.90 -8.17 14.23
N GLU B 81 35.19 -7.25 14.92
CA GLU B 81 34.09 -7.61 15.82
C GLU B 81 32.80 -7.97 15.06
N ASP B 82 32.77 -7.76 13.73
CA ASP B 82 31.59 -8.03 12.92
C ASP B 82 31.46 -9.47 12.50
N PHE B 83 32.50 -10.27 12.74
CA PHE B 83 32.49 -11.68 12.34
C PHE B 83 31.71 -12.42 13.43
N ALA B 84 30.46 -12.78 13.08
CA ALA B 84 29.47 -13.38 13.99
C ALA B 84 28.39 -14.04 13.11
N VAL B 85 27.30 -14.51 13.76
CA VAL B 85 26.13 -15.07 13.08
C VAL B 85 25.10 -13.93 13.04
N TYR B 86 24.39 -13.81 11.93
CA TYR B 86 23.34 -12.80 11.74
C TYR B 86 22.05 -13.48 11.44
N TYR B 87 20.97 -13.03 12.13
CA TYR B 87 19.62 -13.55 11.92
C TYR B 87 18.70 -12.45 11.49
N CYS B 88 17.76 -12.75 10.59
CA CYS B 88 16.68 -11.82 10.27
C CYS B 88 15.49 -12.35 11.10
N GLY B 89 14.63 -11.47 11.56
CA GLY B 89 13.46 -11.89 12.34
C GLY B 89 12.27 -11.06 11.97
N GLN B 90 11.14 -11.71 11.69
CA GLN B 90 9.90 -11.01 11.38
C GLN B 90 9.00 -10.91 12.61
N ASN B 91 8.24 -9.84 12.70
CA ASN B 91 7.23 -9.77 13.76
C ASN B 91 5.98 -9.11 13.21
N ASN B 92 5.79 -9.18 11.89
CA ASN B 92 4.59 -8.65 11.26
C ASN B 92 3.37 -9.46 11.74
N GLU B 93 3.59 -10.74 11.98
CA GLU B 93 2.60 -11.66 12.51
C GLU B 93 3.24 -12.58 13.53
N TRP B 94 2.41 -13.13 14.40
CA TRP B 94 2.82 -14.11 15.38
C TRP B 94 2.35 -15.46 14.84
N PRO B 95 3.14 -16.53 15.00
CA PRO B 95 4.43 -16.57 15.70
C PRO B 95 5.52 -15.77 15.00
N GLU B 96 6.43 -15.17 15.81
CA GLU B 96 7.61 -14.50 15.27
C GLU B 96 8.46 -15.62 14.64
N VAL B 97 9.09 -15.31 13.53
CA VAL B 97 9.90 -16.30 12.84
C VAL B 97 11.26 -15.66 12.62
N PHE B 98 12.32 -16.45 12.78
CA PHE B 98 13.69 -16.04 12.55
C PHE B 98 14.24 -16.87 11.39
N GLY B 99 15.15 -16.27 10.63
CA GLY B 99 15.83 -17.01 9.57
C GLY B 99 16.80 -17.99 10.20
N GLY B 100 17.37 -18.90 9.39
CA GLY B 100 18.34 -19.89 9.88
C GLY B 100 19.71 -19.34 10.23
N GLY B 101 19.94 -18.06 9.98
CA GLY B 101 21.22 -17.44 10.29
C GLY B 101 22.26 -17.54 9.18
N THR B 102 23.10 -16.51 9.06
CA THR B 102 24.23 -16.47 8.14
C THR B 102 25.48 -16.26 8.99
N LYS B 103 26.45 -17.15 8.90
CA LYS B 103 27.71 -16.96 9.62
C LYS B 103 28.66 -16.12 8.76
N VAL B 104 29.23 -15.05 9.34
CA VAL B 104 30.20 -14.21 8.67
C VAL B 104 31.53 -14.57 9.27
N GLU B 105 32.35 -15.25 8.49
CA GLU B 105 33.63 -15.78 8.94
C GLU B 105 34.79 -15.13 8.20
N ILE B 106 35.95 -15.15 8.83
CA ILE B 106 37.15 -14.63 8.24
C ILE B 106 37.68 -15.55 7.10
N LYS B 107 37.87 -14.95 5.92
CA LYS B 107 38.45 -15.64 4.76
C LYS B 107 39.95 -15.57 4.89
N ARG B 108 40.61 -16.71 4.73
CA ARG B 108 42.07 -16.82 4.72
C ARG B 108 42.48 -17.87 3.69
N THR B 109 43.79 -18.15 3.53
CA THR B 109 44.28 -19.16 2.58
C THR B 109 43.93 -20.57 3.03
N VAL B 110 43.86 -21.51 2.09
CA VAL B 110 43.62 -22.92 2.41
C VAL B 110 44.80 -23.48 3.27
N ALA B 111 44.45 -24.16 4.34
CA ALA B 111 45.38 -24.79 5.28
C ALA B 111 44.88 -26.20 5.55
N ALA B 112 45.68 -27.19 5.11
CA ALA B 112 45.42 -28.62 5.30
C ALA B 112 45.50 -28.92 6.79
N PRO B 113 44.67 -29.84 7.32
CA PRO B 113 44.81 -30.17 8.74
C PRO B 113 46.02 -31.08 9.00
N SER B 114 46.46 -31.06 10.25
CA SER B 114 47.50 -31.93 10.80
C SER B 114 46.66 -32.96 11.50
N VAL B 115 46.66 -34.19 10.99
CA VAL B 115 45.82 -35.25 11.52
C VAL B 115 46.62 -36.17 12.44
N PHE B 116 46.02 -36.53 13.57
CA PHE B 116 46.59 -37.38 14.61
C PHE B 116 45.52 -38.32 15.11
N ILE B 117 45.91 -39.57 15.38
CA ILE B 117 45.02 -40.60 15.94
C ILE B 117 45.54 -40.97 17.32
N PHE B 118 44.62 -41.23 18.25
CA PHE B 118 44.95 -41.62 19.59
C PHE B 118 44.24 -42.90 19.93
N PRO B 119 45.00 -43.98 20.28
CA PRO B 119 44.34 -45.24 20.68
C PRO B 119 43.69 -45.10 22.05
N PRO B 120 42.74 -45.97 22.47
CA PRO B 120 42.22 -45.86 23.85
C PRO B 120 43.32 -46.17 24.86
N SER B 121 43.13 -45.74 26.11
CA SER B 121 44.10 -45.93 27.19
C SER B 121 43.77 -47.21 27.95
N ASP B 122 44.80 -47.86 28.51
CA ASP B 122 44.64 -49.09 29.27
C ASP B 122 43.71 -48.91 30.46
N GLU B 123 43.81 -47.74 31.12
CA GLU B 123 42.98 -47.36 32.26
C GLU B 123 41.51 -47.30 31.84
N GLN B 124 41.23 -46.81 30.61
CA GLN B 124 39.87 -46.75 30.09
C GLN B 124 39.42 -48.16 29.74
N LEU B 125 40.29 -48.91 29.03
CA LEU B 125 40.05 -50.28 28.60
C LEU B 125 39.62 -51.20 29.75
N LYS B 126 40.15 -50.96 30.96
CA LYS B 126 39.80 -51.68 32.18
C LYS B 126 38.34 -51.46 32.60
N SER B 127 37.74 -50.30 32.22
CA SER B 127 36.37 -49.94 32.59
C SER B 127 35.26 -50.54 31.69
N GLY B 128 35.65 -51.14 30.56
CA GLY B 128 34.72 -51.80 29.65
C GLY B 128 34.28 -51.03 28.41
N THR B 129 34.93 -49.86 28.16
CA THR B 129 34.66 -48.97 27.01
C THR B 129 35.99 -48.62 26.38
N ALA B 130 35.98 -48.23 25.10
CA ALA B 130 37.13 -47.80 24.32
C ALA B 130 36.74 -46.58 23.47
N SER B 131 37.50 -45.49 23.62
CA SER B 131 37.33 -44.25 22.85
C SER B 131 38.56 -44.05 22.00
N VAL B 132 38.37 -43.89 20.69
CA VAL B 132 39.46 -43.68 19.76
C VAL B 132 39.25 -42.26 19.25
N VAL B 133 40.26 -41.41 19.42
CA VAL B 133 40.15 -40.00 19.07
C VAL B 133 40.98 -39.69 17.85
N CYS B 134 40.37 -38.92 16.94
CA CYS B 134 41.03 -38.40 15.77
C CYS B 134 41.00 -36.89 15.89
N LEU B 135 42.11 -36.25 15.59
CA LEU B 135 42.22 -34.81 15.68
C LEU B 135 42.66 -34.20 14.37
N LEU B 136 41.91 -33.16 13.93
CA LEU B 136 42.18 -32.36 12.73
C LEU B 136 42.60 -30.99 13.27
N ASN B 137 43.87 -30.68 13.09
CA ASN B 137 44.43 -29.49 13.69
C ASN B 137 44.71 -28.36 12.72
N ASN B 138 44.15 -27.18 13.03
CA ASN B 138 44.39 -25.90 12.33
C ASN B 138 44.16 -25.91 10.81
N PHE B 139 42.92 -26.16 10.41
CA PHE B 139 42.58 -26.20 8.98
C PHE B 139 41.62 -25.10 8.56
N TYR B 140 41.66 -24.80 7.27
CA TYR B 140 40.80 -23.83 6.62
C TYR B 140 40.62 -24.24 5.17
N PRO B 141 39.39 -24.28 4.61
CA PRO B 141 38.10 -23.93 5.24
C PRO B 141 37.56 -25.00 6.20
N ARG B 142 36.46 -24.67 6.86
CA ARG B 142 35.75 -25.48 7.84
C ARG B 142 35.33 -26.89 7.36
N GLU B 143 34.90 -27.01 6.10
CA GLU B 143 34.41 -28.28 5.50
C GLU B 143 35.50 -29.37 5.51
N ALA B 144 35.24 -30.44 6.23
CA ALA B 144 36.16 -31.58 6.35
C ALA B 144 35.35 -32.84 6.58
N LYS B 145 35.74 -33.93 5.92
CA LYS B 145 35.09 -35.22 6.07
C LYS B 145 36.02 -36.18 6.82
N VAL B 146 35.55 -36.71 7.93
CA VAL B 146 36.27 -37.67 8.75
C VAL B 146 35.56 -39.05 8.65
N GLN B 147 36.25 -40.06 8.11
CA GLN B 147 35.74 -41.42 7.94
C GLN B 147 36.52 -42.45 8.78
N TRP B 148 35.87 -43.01 9.82
CA TRP B 148 36.43 -44.05 10.68
C TRP B 148 36.30 -45.42 9.97
N LYS B 149 37.42 -46.14 9.80
CA LYS B 149 37.45 -47.48 9.20
C LYS B 149 38.01 -48.48 10.22
N VAL B 150 37.18 -49.44 10.66
CA VAL B 150 37.58 -50.51 11.60
C VAL B 150 37.72 -51.81 10.79
N ASP B 151 38.96 -52.12 10.36
CA ASP B 151 39.32 -53.27 9.51
C ASP B 151 38.70 -53.14 8.12
N ASN B 152 38.87 -51.92 7.53
CA ASN B 152 38.38 -51.47 6.23
C ASN B 152 36.85 -51.38 6.16
N ALA B 153 36.17 -51.53 7.32
CA ALA B 153 34.72 -51.39 7.41
C ALA B 153 34.41 -49.95 7.83
N LEU B 154 33.70 -49.21 6.97
CA LEU B 154 33.31 -47.82 7.20
C LEU B 154 32.35 -47.73 8.36
N GLN B 155 32.65 -46.87 9.33
CA GLN B 155 31.82 -46.70 10.52
C GLN B 155 30.83 -45.59 10.37
N SER B 156 29.71 -45.66 11.08
CA SER B 156 28.67 -44.65 11.05
C SER B 156 27.81 -44.80 12.26
N GLY B 157 27.41 -43.67 12.83
CA GLY B 157 26.54 -43.62 14.00
C GLY B 157 27.19 -43.88 15.35
N ASN B 158 28.48 -44.22 15.36
CA ASN B 158 29.21 -44.56 16.59
C ASN B 158 30.31 -43.54 16.96
N SER B 159 30.31 -42.36 16.26
CA SER B 159 31.26 -41.28 16.47
C SER B 159 30.60 -39.92 16.63
N GLN B 160 31.28 -39.00 17.34
CA GLN B 160 30.83 -37.62 17.58
C GLN B 160 31.98 -36.67 17.27
N GLU B 161 31.67 -35.61 16.52
CA GLU B 161 32.60 -34.55 16.14
C GLU B 161 32.40 -33.34 17.04
N SER B 162 33.46 -32.53 17.17
CA SER B 162 33.45 -31.28 17.94
C SER B 162 34.43 -30.36 17.25
N VAL B 163 34.02 -29.12 16.96
CA VAL B 163 34.81 -28.12 16.25
C VAL B 163 35.01 -26.91 17.14
N THR B 164 36.21 -26.31 17.09
CA THR B 164 36.45 -25.06 17.81
C THR B 164 35.87 -23.87 16.97
N GLU B 165 35.80 -22.69 17.61
CA GLU B 165 35.44 -21.44 16.93
C GLU B 165 36.70 -21.03 16.15
N GLN B 166 36.53 -20.25 15.07
CA GLN B 166 37.65 -19.79 14.24
C GLN B 166 38.71 -19.14 15.13
N ASP B 167 39.96 -19.61 15.05
CA ASP B 167 41.05 -19.10 15.88
C ASP B 167 41.26 -17.58 15.68
N SER B 168 41.37 -16.83 16.78
CA SER B 168 41.54 -15.38 16.72
C SER B 168 42.89 -14.95 16.10
N LYS B 169 43.91 -15.82 16.19
CA LYS B 169 45.26 -15.54 15.70
C LYS B 169 45.54 -16.02 14.29
N ASP B 170 45.10 -17.24 13.91
CA ASP B 170 45.42 -17.71 12.55
C ASP B 170 44.17 -18.00 11.70
N SER B 171 42.97 -17.76 12.26
CA SER B 171 41.68 -17.93 11.56
C SER B 171 41.41 -19.37 11.07
N THR B 172 41.99 -20.38 11.76
CA THR B 172 41.74 -21.77 11.40
C THR B 172 40.74 -22.38 12.35
N TYR B 173 40.26 -23.60 12.01
CA TYR B 173 39.38 -24.39 12.84
C TYR B 173 40.16 -25.64 13.27
N SER B 174 39.73 -26.27 14.36
CA SER B 174 40.26 -27.56 14.77
C SER B 174 39.09 -28.45 15.08
N LEU B 175 39.22 -29.75 14.83
CA LEU B 175 38.12 -30.69 15.05
C LEU B 175 38.60 -31.98 15.71
N SER B 176 37.80 -32.49 16.64
CA SER B 176 38.04 -33.79 17.26
C SER B 176 36.88 -34.73 16.90
N SER B 177 37.20 -35.97 16.44
CA SER B 177 36.18 -36.99 16.20
C SER B 177 36.50 -38.18 17.14
N THR B 178 35.53 -38.60 17.91
CA THR B 178 35.66 -39.69 18.86
C THR B 178 34.79 -40.90 18.47
N LEU B 179 35.42 -42.07 18.26
CA LEU B 179 34.74 -43.35 18.01
C LEU B 179 34.55 -44.07 19.36
N THR B 180 33.30 -44.33 19.77
CA THR B 180 33.01 -45.05 21.02
C THR B 180 32.59 -46.47 20.67
N LEU B 181 33.31 -47.45 21.25
CA LEU B 181 33.19 -48.90 21.02
C LEU B 181 33.37 -49.60 22.35
N SER B 182 32.51 -50.59 22.71
CA SER B 182 32.64 -51.36 23.97
C SER B 182 33.98 -52.11 23.92
N LYS B 183 34.53 -52.47 25.10
CA LYS B 183 35.82 -53.21 25.20
C LYS B 183 35.71 -54.51 24.37
N ALA B 184 34.56 -55.21 24.53
CA ALA B 184 34.20 -56.44 23.83
C ALA B 184 34.36 -56.27 22.32
N ASP B 185 33.64 -55.28 21.73
CA ASP B 185 33.71 -54.97 20.30
C ASP B 185 35.10 -54.52 19.87
N TYR B 186 35.75 -53.65 20.67
CA TYR B 186 37.09 -53.14 20.37
C TYR B 186 38.12 -54.24 20.26
N GLU B 187 38.08 -55.22 21.20
CA GLU B 187 39.06 -56.31 21.20
C GLU B 187 38.88 -57.31 20.04
N LYS B 188 37.72 -57.24 19.35
CA LYS B 188 37.43 -58.14 18.23
C LYS B 188 38.05 -57.70 16.91
N HIS B 189 38.80 -56.55 16.86
CA HIS B 189 39.35 -56.01 15.59
C HIS B 189 40.83 -55.57 15.66
N LYS B 190 41.50 -55.43 14.50
CA LYS B 190 42.92 -55.04 14.43
C LYS B 190 43.20 -53.55 14.02
N VAL B 191 43.02 -53.22 12.72
CA VAL B 191 43.34 -51.89 12.17
C VAL B 191 42.24 -50.85 12.42
N TYR B 192 42.61 -49.78 13.15
CA TYR B 192 41.76 -48.64 13.46
C TYR B 192 42.31 -47.49 12.69
N ALA B 193 41.51 -46.96 11.76
CA ALA B 193 41.94 -45.88 10.90
C ALA B 193 40.98 -44.71 10.89
N CYS B 194 41.52 -43.53 10.57
CA CYS B 194 40.82 -42.26 10.49
C CYS B 194 41.18 -41.67 9.15
N GLU B 195 40.22 -41.60 8.20
CA GLU B 195 40.46 -41.07 6.85
C GLU B 195 39.93 -39.64 6.76
N VAL B 196 40.78 -38.72 6.31
CA VAL B 196 40.42 -37.30 6.28
C VAL B 196 40.43 -36.76 4.88
N THR B 197 39.32 -36.14 4.51
CA THR B 197 39.13 -35.47 3.23
C THR B 197 39.00 -33.99 3.53
N HIS B 198 39.83 -33.19 2.87
CA HIS B 198 39.89 -31.74 3.01
C HIS B 198 40.51 -31.14 1.77
N GLN B 199 39.99 -29.96 1.37
CA GLN B 199 40.46 -29.12 0.26
C GLN B 199 41.99 -28.95 0.26
N GLY B 200 42.59 -28.78 1.44
CA GLY B 200 44.03 -28.64 1.61
C GLY B 200 44.83 -29.90 1.31
N LEU B 201 44.15 -31.07 1.28
CA LEU B 201 44.75 -32.38 1.01
C LEU B 201 44.48 -32.81 -0.42
N SER B 202 45.57 -33.00 -1.20
CA SER B 202 45.55 -33.43 -2.61
C SER B 202 44.86 -34.79 -2.79
N SER B 203 44.95 -35.64 -1.78
CA SER B 203 44.34 -36.97 -1.71
C SER B 203 43.98 -37.16 -0.23
N PRO B 204 42.98 -38.01 0.14
CA PRO B 204 42.68 -38.17 1.58
C PRO B 204 43.87 -38.68 2.39
N VAL B 205 43.89 -38.34 3.67
CA VAL B 205 44.98 -38.73 4.54
C VAL B 205 44.44 -39.70 5.56
N THR B 206 45.09 -40.85 5.68
CA THR B 206 44.69 -41.85 6.65
C THR B 206 45.73 -41.95 7.77
N LYS B 207 45.25 -41.99 9.02
CA LYS B 207 46.07 -42.20 10.19
C LYS B 207 45.50 -43.43 10.84
N SER B 208 46.38 -44.38 11.19
CA SER B 208 45.95 -45.64 11.81
C SER B 208 46.96 -46.19 12.78
N PHE B 209 46.49 -47.15 13.58
CA PHE B 209 47.27 -47.95 14.49
C PHE B 209 46.66 -49.38 14.47
N ASN B 210 47.38 -50.38 15.01
CA ASN B 210 46.89 -51.75 15.16
C ASN B 210 46.71 -51.99 16.63
N ARG B 211 45.55 -52.51 17.05
CA ARG B 211 45.30 -52.79 18.47
C ARG B 211 46.38 -53.80 18.98
N GLY B 212 46.91 -53.51 20.17
CA GLY B 212 47.96 -54.29 20.83
C GLY B 212 49.39 -53.86 20.53
N GLU B 213 49.60 -53.19 19.37
CA GLU B 213 50.89 -52.70 18.87
C GLU B 213 51.20 -51.25 19.33
N GLN C 1 -34.37 -2.15 -21.69
CA GLN C 1 -34.08 -0.72 -21.73
C GLN C 1 -33.56 -0.14 -20.37
N VAL C 2 -32.21 -0.18 -20.13
CA VAL C 2 -31.56 0.41 -18.93
C VAL C 2 -31.53 1.92 -19.14
N GLN C 3 -32.23 2.67 -18.28
CA GLN C 3 -32.34 4.12 -18.45
C GLN C 3 -32.41 4.89 -17.17
N LEU C 4 -32.06 6.18 -17.25
CA LEU C 4 -32.21 7.20 -16.21
C LEU C 4 -32.88 8.35 -16.94
N VAL C 5 -34.16 8.59 -16.64
CA VAL C 5 -34.94 9.63 -17.31
C VAL C 5 -35.22 10.77 -16.36
N GLN C 6 -34.78 11.96 -16.75
CA GLN C 6 -34.95 13.16 -15.94
C GLN C 6 -36.17 14.02 -16.31
N SER C 7 -36.63 14.87 -15.35
CA SER C 7 -37.70 15.82 -15.59
C SER C 7 -37.24 16.99 -16.51
N GLY C 8 -38.18 17.72 -17.09
CA GLY C 8 -37.92 18.79 -18.04
C GLY C 8 -37.24 20.03 -17.49
N ALA C 9 -36.85 20.94 -18.40
CA ALA C 9 -36.19 22.21 -18.11
C ALA C 9 -37.00 23.07 -17.13
N GLU C 10 -36.30 23.80 -16.28
CA GLU C 10 -36.91 24.64 -15.25
C GLU C 10 -36.34 26.04 -15.32
N VAL C 11 -37.18 27.03 -15.05
CA VAL C 11 -36.84 28.45 -15.04
C VAL C 11 -37.31 28.96 -13.69
N LYS C 12 -36.36 29.43 -12.86
CA LYS C 12 -36.64 29.91 -11.52
C LYS C 12 -36.04 31.30 -11.26
N LYS C 13 -36.67 32.01 -10.33
CA LYS C 13 -36.23 33.32 -9.87
C LYS C 13 -35.23 33.13 -8.72
N PRO C 14 -34.28 34.07 -8.48
CA PRO C 14 -33.40 33.94 -7.31
C PRO C 14 -34.19 33.82 -5.99
N GLY C 15 -33.69 33.00 -5.08
CA GLY C 15 -34.34 32.74 -3.81
C GLY C 15 -35.33 31.59 -3.87
N ALA C 16 -35.80 31.24 -5.08
CA ALA C 16 -36.74 30.14 -5.26
C ALA C 16 -36.12 28.75 -5.06
N SER C 17 -36.95 27.72 -5.24
CA SER C 17 -36.56 26.34 -5.07
C SER C 17 -36.81 25.55 -6.35
N VAL C 18 -36.03 24.48 -6.59
CA VAL C 18 -36.25 23.62 -7.74
C VAL C 18 -36.18 22.17 -7.28
N LYS C 19 -37.02 21.31 -7.83
CA LYS C 19 -36.99 19.89 -7.51
C LYS C 19 -36.93 19.14 -8.83
N VAL C 20 -35.83 18.41 -9.04
CA VAL C 20 -35.59 17.66 -10.29
C VAL C 20 -35.71 16.19 -9.98
N SER C 21 -36.28 15.42 -10.90
CA SER C 21 -36.45 13.99 -10.70
C SER C 21 -35.61 13.17 -11.67
N CYS C 22 -35.33 11.95 -11.26
CA CYS C 22 -34.56 11.01 -12.03
C CYS C 22 -35.21 9.65 -11.85
N LYS C 23 -35.88 9.14 -12.89
CA LYS C 23 -36.49 7.82 -12.84
C LYS C 23 -35.58 6.75 -13.45
N ALA C 24 -35.27 5.72 -12.64
CA ALA C 24 -34.45 4.58 -13.00
C ALA C 24 -35.32 3.45 -13.56
N SER C 25 -34.88 2.80 -14.66
CA SER C 25 -35.63 1.68 -15.23
C SER C 25 -34.67 0.64 -15.79
N GLY C 26 -35.14 -0.62 -15.79
CA GLY C 26 -34.43 -1.74 -16.40
C GLY C 26 -33.27 -2.31 -15.65
N TYR C 27 -33.16 -2.02 -14.35
CA TYR C 27 -32.08 -2.60 -13.52
C TYR C 27 -32.48 -2.66 -12.04
N GLU C 28 -31.67 -3.35 -11.20
CA GLU C 28 -31.84 -3.49 -9.76
C GLU C 28 -31.51 -2.14 -9.08
N PHE C 29 -32.57 -1.33 -8.87
CA PHE C 29 -32.52 0.01 -8.30
C PHE C 29 -31.60 0.18 -7.08
N THR C 30 -31.67 -0.77 -6.15
CA THR C 30 -30.93 -0.73 -4.89
C THR C 30 -29.43 -1.06 -4.97
N SER C 31 -28.95 -1.58 -6.11
CA SER C 31 -27.53 -1.97 -6.22
C SER C 31 -26.60 -0.84 -6.67
N TYR C 32 -27.17 0.31 -7.05
CA TYR C 32 -26.37 1.43 -7.57
C TYR C 32 -26.63 2.72 -6.84
N TRP C 33 -25.56 3.47 -6.49
CA TRP C 33 -25.70 4.83 -5.94
C TRP C 33 -26.23 5.72 -7.03
N ILE C 34 -27.03 6.73 -6.70
CA ILE C 34 -27.50 7.75 -7.64
C ILE C 34 -26.85 9.08 -7.23
N HIS C 35 -25.96 9.62 -8.07
CA HIS C 35 -25.24 10.88 -7.88
C HIS C 35 -25.93 11.96 -8.65
N TRP C 36 -25.78 13.21 -8.18
CA TRP C 36 -26.23 14.42 -8.88
C TRP C 36 -24.95 15.20 -9.18
N VAL C 37 -24.75 15.54 -10.46
CA VAL C 37 -23.57 16.25 -10.94
C VAL C 37 -24.09 17.38 -11.79
N ARG C 38 -23.61 18.59 -11.57
CA ARG C 38 -24.07 19.71 -12.39
C ARG C 38 -22.98 20.24 -13.31
N GLN C 39 -23.39 20.88 -14.39
CA GLN C 39 -22.49 21.48 -15.36
C GLN C 39 -22.99 22.86 -15.74
N ALA C 40 -22.34 23.92 -15.21
CA ALA C 40 -22.65 25.33 -15.55
C ALA C 40 -22.23 25.58 -17.02
N PRO C 41 -22.92 26.47 -17.78
CA PRO C 41 -22.57 26.67 -19.20
C PRO C 41 -21.10 26.91 -19.49
N GLY C 42 -20.56 26.09 -20.39
CA GLY C 42 -19.17 26.13 -20.81
C GLY C 42 -18.18 25.67 -19.76
N GLN C 43 -18.67 25.12 -18.62
CA GLN C 43 -17.79 24.68 -17.54
C GLN C 43 -17.67 23.15 -17.44
N GLY C 44 -16.98 22.70 -16.39
CA GLY C 44 -16.75 21.31 -16.01
C GLY C 44 -17.87 20.70 -15.19
N LEU C 45 -17.57 19.58 -14.53
CA LEU C 45 -18.53 18.81 -13.77
C LEU C 45 -18.33 19.00 -12.27
N GLU C 46 -19.46 19.18 -11.55
CA GLU C 46 -19.41 19.37 -10.11
C GLU C 46 -20.44 18.46 -9.36
N TRP C 47 -19.94 17.61 -8.48
CA TRP C 47 -20.74 16.67 -7.65
C TRP C 47 -21.56 17.40 -6.58
N MET C 48 -22.88 17.26 -6.64
CA MET C 48 -23.86 17.83 -5.68
C MET C 48 -23.93 16.92 -4.44
N GLY C 49 -23.95 15.63 -4.68
CA GLY C 49 -24.10 14.62 -3.66
C GLY C 49 -24.73 13.39 -4.28
N ASN C 50 -25.11 12.44 -3.43
CA ASN C 50 -25.74 11.21 -3.85
C ASN C 50 -26.74 10.70 -2.80
N ILE C 51 -27.34 9.53 -3.09
CA ILE C 51 -28.29 8.86 -2.26
C ILE C 51 -28.27 7.38 -2.54
N SER C 52 -28.43 6.59 -1.47
CA SER C 52 -28.56 5.15 -1.58
C SER C 52 -30.05 4.93 -1.83
N PRO C 53 -30.44 4.31 -2.96
CA PRO C 53 -31.86 4.09 -3.23
C PRO C 53 -32.55 3.15 -2.22
N ASN C 54 -31.81 2.20 -1.66
CA ASN C 54 -32.34 1.31 -0.64
C ASN C 54 -32.77 2.08 0.63
N SER C 55 -31.81 2.68 1.36
CA SER C 55 -32.03 3.39 2.62
C SER C 55 -32.60 4.79 2.51
N GLY C 56 -32.27 5.49 1.44
CA GLY C 56 -32.65 6.88 1.27
C GLY C 56 -31.69 7.80 2.00
N SER C 57 -30.58 7.25 2.48
CA SER C 57 -29.55 8.00 3.17
C SER C 57 -28.71 8.75 2.13
N ALA C 58 -28.78 10.11 2.15
CA ALA C 58 -28.11 11.01 1.21
C ALA C 58 -26.82 11.65 1.73
N ASN C 59 -25.84 11.78 0.83
CA ASN C 59 -24.53 12.35 1.14
C ASN C 59 -24.36 13.59 0.29
N TYR C 60 -23.98 14.69 0.94
CA TYR C 60 -23.90 15.96 0.23
C TYR C 60 -22.53 16.53 0.19
N ASN C 61 -22.29 17.33 -0.84
CA ASN C 61 -21.09 18.13 -0.97
C ASN C 61 -21.33 19.28 0.07
N GLU C 62 -20.37 19.50 1.01
CA GLU C 62 -20.43 20.55 2.05
C GLU C 62 -20.84 21.92 1.48
N LYS C 63 -20.44 22.20 0.21
CA LYS C 63 -20.79 23.41 -0.51
C LYS C 63 -22.31 23.65 -0.65
N PHE C 64 -23.11 22.56 -0.80
CA PHE C 64 -24.57 22.75 -1.02
C PHE C 64 -25.45 22.19 0.09
N LYS C 65 -24.83 21.52 1.09
CA LYS C 65 -25.48 20.82 2.19
C LYS C 65 -26.58 21.67 2.89
N SER C 66 -26.37 22.99 3.01
CA SER C 66 -27.33 23.91 3.59
C SER C 66 -28.59 24.11 2.73
N ARG C 67 -28.54 23.78 1.41
CA ARG C 67 -29.72 24.04 0.59
C ARG C 67 -30.06 22.94 -0.37
N VAL C 68 -29.51 21.77 -0.19
CA VAL C 68 -29.88 20.70 -1.09
C VAL C 68 -30.43 19.51 -0.32
N THR C 69 -31.45 18.89 -0.88
CA THR C 69 -32.08 17.71 -0.32
C THR C 69 -32.23 16.65 -1.39
N MET C 70 -31.81 15.44 -1.10
CA MET C 70 -32.01 14.31 -1.98
C MET C 70 -32.87 13.27 -1.30
N THR C 71 -33.90 12.82 -2.01
CA THR C 71 -34.86 11.83 -1.56
C THR C 71 -35.09 10.79 -2.67
N ARG C 72 -35.69 9.67 -2.28
CA ARG C 72 -36.04 8.63 -3.22
C ARG C 72 -37.43 8.06 -2.90
N ASP C 73 -38.03 7.45 -3.91
CA ASP C 73 -39.32 6.80 -3.86
C ASP C 73 -39.11 5.42 -4.48
N THR C 74 -38.91 4.40 -3.64
CA THR C 74 -38.65 3.03 -4.12
C THR C 74 -39.80 2.46 -4.94
N SER C 75 -41.04 2.87 -4.61
CA SER C 75 -42.25 2.45 -5.33
C SER C 75 -42.14 2.82 -6.80
N THR C 76 -41.71 4.04 -7.12
CA THR C 76 -41.59 4.47 -8.51
C THR C 76 -40.13 4.47 -9.05
N SER C 77 -39.15 3.96 -8.28
CA SER C 77 -37.71 3.90 -8.63
C SER C 77 -37.24 5.31 -9.06
N THR C 78 -37.68 6.33 -8.35
CA THR C 78 -37.39 7.71 -8.66
C THR C 78 -36.63 8.36 -7.55
N VAL C 79 -35.61 9.16 -7.96
CA VAL C 79 -34.75 9.91 -7.07
C VAL C 79 -35.00 11.39 -7.34
N TYR C 80 -34.99 12.18 -6.30
CA TYR C 80 -35.25 13.61 -6.41
C TYR C 80 -34.12 14.41 -5.82
N MET C 81 -33.92 15.58 -6.38
CA MET C 81 -32.95 16.54 -5.87
C MET C 81 -33.69 17.85 -5.76
N GLU C 82 -33.73 18.41 -4.56
CA GLU C 82 -34.34 19.70 -4.32
C GLU C 82 -33.24 20.67 -3.95
N LEU C 83 -33.12 21.73 -4.69
CA LEU C 83 -32.10 22.74 -4.46
C LEU C 83 -32.83 24.03 -4.13
N SER C 84 -32.52 24.60 -2.98
CA SER C 84 -33.22 25.82 -2.53
C SER C 84 -32.29 27.03 -2.46
N SER C 85 -32.86 28.22 -2.16
CA SER C 85 -32.18 29.53 -2.11
C SER C 85 -31.35 29.71 -3.38
N LEU C 86 -32.01 29.57 -4.52
CA LEU C 86 -31.38 29.62 -5.83
C LEU C 86 -30.76 30.97 -6.14
N ARG C 87 -29.55 30.95 -6.76
CA ARG C 87 -28.76 32.12 -7.17
C ARG C 87 -28.41 31.89 -8.62
N SER C 88 -28.09 32.97 -9.35
CA SER C 88 -27.68 32.98 -10.74
C SER C 88 -26.63 31.88 -11.06
N GLU C 89 -25.70 31.66 -10.13
CA GLU C 89 -24.60 30.69 -10.22
C GLU C 89 -25.06 29.23 -10.27
N ASP C 90 -26.34 28.95 -9.93
CA ASP C 90 -26.96 27.63 -9.95
C ASP C 90 -27.47 27.29 -11.35
N THR C 91 -27.43 28.25 -12.29
CA THR C 91 -27.82 28.02 -13.68
C THR C 91 -26.85 26.97 -14.22
N ALA C 92 -27.37 25.76 -14.51
CA ALA C 92 -26.59 24.60 -14.93
C ALA C 92 -27.50 23.51 -15.44
N VAL C 93 -26.89 22.54 -16.15
CA VAL C 93 -27.54 21.30 -16.56
C VAL C 93 -27.22 20.39 -15.37
N TYR C 94 -28.24 19.82 -14.72
CA TYR C 94 -28.13 18.91 -13.58
C TYR C 94 -28.34 17.50 -14.09
N TYR C 95 -27.35 16.61 -13.86
CA TYR C 95 -27.40 15.22 -14.30
C TYR C 95 -27.51 14.30 -13.11
N CYS C 96 -28.25 13.19 -13.28
CA CYS C 96 -28.22 12.13 -12.32
C CYS C 96 -27.37 11.03 -12.98
N ALA C 97 -26.68 10.25 -12.16
CA ALA C 97 -25.79 9.20 -12.66
C ALA C 97 -25.74 8.04 -11.71
N ARG C 98 -25.61 6.83 -12.23
CA ARG C 98 -25.55 5.65 -11.39
C ARG C 98 -24.13 5.12 -11.30
N GLU C 99 -23.79 4.59 -10.11
CA GLU C 99 -22.48 3.99 -9.81
C GLU C 99 -22.73 2.67 -9.08
N GLY C 100 -22.25 1.59 -9.67
CA GLY C 100 -22.41 0.23 -9.17
C GLY C 100 -22.15 -0.81 -10.25
N PRO C 101 -22.60 -2.06 -10.07
CA PRO C 101 -23.39 -2.61 -8.94
C PRO C 101 -22.59 -2.94 -7.70
N TYR C 102 -23.21 -2.75 -6.54
CA TYR C 102 -22.59 -3.08 -5.26
C TYR C 102 -23.53 -3.98 -4.47
N SER C 103 -22.96 -4.70 -3.50
CA SER C 103 -23.70 -5.62 -2.66
C SER C 103 -23.39 -5.35 -1.20
N TYR C 104 -23.58 -6.35 -0.36
CA TYR C 104 -23.36 -6.25 1.07
C TYR C 104 -21.91 -6.58 1.47
N TYR C 105 -21.05 -6.77 0.47
CA TYR C 105 -19.62 -7.01 0.62
C TYR C 105 -18.95 -5.68 0.36
N PRO C 106 -18.38 -5.02 1.38
CA PRO C 106 -17.71 -3.73 1.12
C PRO C 106 -16.41 -3.89 0.31
N SER C 107 -16.02 -2.82 -0.39
CA SER C 107 -14.85 -2.84 -1.27
C SER C 107 -14.15 -1.51 -1.27
N ARG C 108 -12.90 -1.52 -1.70
CA ARG C 108 -12.13 -0.31 -1.85
C ARG C 108 -11.82 -0.04 -3.34
N GLU C 109 -12.37 -0.87 -4.24
CA GLU C 109 -12.24 -0.76 -5.69
C GLU C 109 -13.62 -0.34 -6.19
N TYR C 110 -13.72 0.84 -6.77
CA TYR C 110 -15.02 1.31 -7.23
C TYR C 110 -15.19 1.29 -8.74
N TYR C 111 -16.44 1.28 -9.15
CA TYR C 111 -16.84 1.44 -10.52
C TYR C 111 -16.91 2.95 -10.79
N GLY C 112 -16.93 3.34 -12.06
CA GLY C 112 -17.21 4.74 -12.41
C GLY C 112 -18.71 4.87 -12.55
N SER C 113 -19.21 6.03 -12.97
CA SER C 113 -20.64 6.25 -13.19
C SER C 113 -20.96 5.85 -14.62
N ASP C 114 -21.49 4.64 -14.80
CA ASP C 114 -21.66 4.06 -16.15
C ASP C 114 -22.92 4.47 -16.90
N LEU C 115 -23.89 5.06 -16.22
CA LEU C 115 -25.11 5.47 -16.88
C LEU C 115 -25.53 6.82 -16.32
N TRP C 116 -25.85 7.75 -17.22
CA TRP C 116 -26.20 9.12 -16.90
C TRP C 116 -27.54 9.46 -17.51
N GLY C 117 -28.32 10.30 -16.82
CA GLY C 117 -29.58 10.80 -17.38
C GLY C 117 -29.28 11.83 -18.46
N GLN C 118 -30.28 12.26 -19.20
CA GLN C 118 -30.12 13.21 -20.28
C GLN C 118 -29.83 14.65 -19.78
N GLY C 119 -29.96 14.89 -18.47
CA GLY C 119 -29.74 16.20 -17.90
C GLY C 119 -30.97 17.07 -17.89
N THR C 120 -31.02 17.98 -16.91
CA THR C 120 -32.10 18.94 -16.76
C THR C 120 -31.48 20.32 -16.67
N LEU C 121 -31.87 21.21 -17.58
CA LEU C 121 -31.40 22.57 -17.53
C LEU C 121 -32.20 23.34 -16.48
N VAL C 122 -31.50 23.96 -15.51
CA VAL C 122 -32.16 24.80 -14.53
C VAL C 122 -31.66 26.23 -14.77
N THR C 123 -32.53 27.15 -15.17
CA THR C 123 -32.11 28.54 -15.33
C THR C 123 -32.56 29.39 -14.15
N VAL C 124 -31.62 30.03 -13.46
CA VAL C 124 -31.92 30.90 -12.34
C VAL C 124 -31.76 32.34 -12.84
N SER C 125 -32.86 33.08 -12.95
CA SER C 125 -32.79 34.47 -13.42
C SER C 125 -33.93 35.33 -12.94
N SER C 126 -33.64 36.63 -12.75
CA SER C 126 -34.61 37.66 -12.32
C SER C 126 -35.53 38.01 -13.45
N ALA C 127 -35.04 37.84 -14.70
CA ALA C 127 -35.70 38.08 -15.98
C ALA C 127 -36.97 37.26 -16.12
N SER C 128 -37.93 37.78 -16.91
CA SER C 128 -39.22 37.14 -17.14
C SER C 128 -39.34 36.71 -18.59
N THR C 129 -40.09 35.63 -18.85
CA THR C 129 -40.29 35.09 -20.21
C THR C 129 -40.51 36.20 -21.23
N LYS C 130 -39.71 36.20 -22.31
CA LYS C 130 -39.80 37.22 -23.33
C LYS C 130 -39.44 36.62 -24.66
N GLY C 131 -40.29 36.89 -25.63
CA GLY C 131 -40.09 36.46 -27.00
C GLY C 131 -39.02 37.32 -27.65
N PRO C 132 -38.35 36.80 -28.69
CA PRO C 132 -37.28 37.60 -29.31
C PRO C 132 -37.79 38.60 -30.35
N SER C 133 -36.91 39.53 -30.73
CA SER C 133 -37.11 40.48 -31.83
C SER C 133 -36.17 39.95 -32.91
N VAL C 134 -36.64 39.85 -34.15
CA VAL C 134 -35.81 39.31 -35.23
C VAL C 134 -35.46 40.42 -36.20
N PHE C 135 -34.17 40.62 -36.46
CA PHE C 135 -33.74 41.66 -37.38
C PHE C 135 -32.94 41.07 -38.51
N PRO C 136 -33.02 41.61 -39.73
CA PRO C 136 -32.25 41.04 -40.84
C PRO C 136 -30.75 41.34 -40.73
N LEU C 137 -29.93 40.52 -41.41
CA LEU C 137 -28.49 40.71 -41.53
C LEU C 137 -28.23 40.66 -43.03
N ALA C 138 -28.07 41.83 -43.64
CA ALA C 138 -27.81 41.93 -45.07
C ALA C 138 -26.65 42.89 -45.28
N PRO C 139 -25.81 42.71 -46.32
CA PRO C 139 -24.74 43.68 -46.54
C PRO C 139 -25.27 45.10 -46.78
N CYS C 140 -24.40 46.13 -46.65
CA CYS C 140 -24.80 47.52 -46.89
C CYS C 140 -25.17 47.66 -48.37
N SER C 141 -24.28 47.21 -49.27
CA SER C 141 -24.51 47.20 -50.71
C SER C 141 -24.67 45.77 -51.20
N ARG C 142 -25.76 45.48 -51.93
CA ARG C 142 -26.04 44.15 -52.50
C ARG C 142 -25.13 43.93 -53.71
N SER C 143 -24.26 44.93 -53.94
CA SER C 143 -23.26 44.98 -54.99
C SER C 143 -22.06 44.20 -54.49
N THR C 144 -21.73 43.10 -55.18
CA THR C 144 -20.60 42.27 -54.82
C THR C 144 -19.96 41.64 -56.05
N SER C 145 -18.62 41.77 -56.14
CA SER C 145 -17.81 41.19 -57.19
C SER C 145 -17.58 39.71 -56.87
N GLU C 146 -17.57 39.39 -55.56
CA GLU C 146 -17.38 38.05 -54.98
C GLU C 146 -18.51 37.08 -55.38
N SER C 147 -18.18 35.79 -55.52
CA SER C 147 -19.14 34.74 -55.89
C SER C 147 -20.12 34.39 -54.77
N THR C 148 -19.67 34.43 -53.51
CA THR C 148 -20.49 34.11 -52.35
C THR C 148 -20.87 35.35 -51.54
N ALA C 149 -22.07 35.34 -50.99
CA ALA C 149 -22.63 36.43 -50.18
C ALA C 149 -23.21 35.84 -48.90
N ALA C 150 -23.41 36.67 -47.89
CA ALA C 150 -23.92 36.19 -46.63
C ALA C 150 -25.11 36.99 -46.22
N LEU C 151 -26.07 36.32 -45.61
CA LEU C 151 -27.29 36.89 -45.08
C LEU C 151 -27.55 36.18 -43.80
N GLY C 152 -28.36 36.76 -42.95
CA GLY C 152 -28.69 36.11 -41.72
C GLY C 152 -29.80 36.82 -41.01
N CYS C 153 -30.07 36.35 -39.81
CA CYS C 153 -31.08 36.86 -38.88
C CYS C 153 -30.41 37.05 -37.52
N LEU C 154 -30.71 38.17 -36.86
CA LEU C 154 -30.24 38.43 -35.51
C LEU C 154 -31.45 38.26 -34.64
N VAL C 155 -31.42 37.26 -33.76
CA VAL C 155 -32.51 36.91 -32.84
C VAL C 155 -32.13 37.47 -31.49
N LYS C 156 -32.63 38.67 -31.18
CA LYS C 156 -32.27 39.44 -30.00
C LYS C 156 -33.28 39.49 -28.88
N ASP C 157 -32.77 39.58 -27.63
CA ASP C 157 -33.48 39.78 -26.39
C ASP C 157 -34.64 38.79 -26.10
N TYR C 158 -34.29 37.54 -25.86
CA TYR C 158 -35.26 36.54 -25.46
C TYR C 158 -34.91 35.94 -24.12
N PHE C 159 -35.88 35.33 -23.48
CA PHE C 159 -35.68 34.69 -22.21
C PHE C 159 -36.81 33.70 -21.99
N PRO C 160 -36.53 32.42 -21.68
CA PRO C 160 -35.21 31.80 -21.48
C PRO C 160 -34.74 31.15 -22.76
N GLU C 161 -33.75 30.29 -22.67
CA GLU C 161 -33.32 29.48 -23.80
C GLU C 161 -34.31 28.30 -23.87
N PRO C 162 -34.49 27.63 -25.02
CA PRO C 162 -33.77 27.80 -26.29
C PRO C 162 -34.62 28.50 -27.38
N VAL C 163 -33.99 28.74 -28.54
CA VAL C 163 -34.57 29.30 -29.74
C VAL C 163 -34.15 28.35 -30.85
N THR C 164 -35.10 27.92 -31.70
CA THR C 164 -34.79 27.10 -32.87
C THR C 164 -34.82 27.99 -34.12
N VAL C 165 -33.88 27.77 -35.03
CA VAL C 165 -33.78 28.53 -36.27
C VAL C 165 -33.57 27.61 -37.47
N SER C 166 -34.43 27.76 -38.47
CA SER C 166 -34.32 27.07 -39.74
C SER C 166 -34.40 28.14 -40.85
N TRP C 167 -33.99 27.76 -42.04
CA TRP C 167 -33.99 28.61 -43.21
C TRP C 167 -34.84 27.91 -44.28
N ASN C 168 -35.79 28.68 -44.89
CA ASN C 168 -36.72 28.26 -45.94
C ASN C 168 -37.45 27.00 -45.53
N SER C 169 -38.05 27.04 -44.34
CA SER C 169 -38.81 25.99 -43.68
C SER C 169 -38.08 24.61 -43.62
N GLY C 170 -36.74 24.64 -43.59
CA GLY C 170 -35.93 23.44 -43.48
C GLY C 170 -35.30 22.99 -44.78
N ALA C 171 -35.70 23.63 -45.90
CA ALA C 171 -35.17 23.28 -47.21
C ALA C 171 -33.71 23.67 -47.35
N LEU C 172 -33.32 24.81 -46.75
CA LEU C 172 -31.96 25.33 -46.78
C LEU C 172 -31.20 24.93 -45.49
N THR C 173 -30.17 24.08 -45.65
CA THR C 173 -29.39 23.58 -44.50
C THR C 173 -27.90 23.75 -44.73
N SER C 174 -27.48 23.67 -45.99
CA SER C 174 -26.11 23.82 -46.43
C SER C 174 -25.65 25.28 -46.31
N GLY C 175 -24.48 25.47 -45.69
CA GLY C 175 -23.87 26.78 -45.48
C GLY C 175 -24.46 27.57 -44.33
N VAL C 176 -25.32 26.92 -43.54
CA VAL C 176 -26.00 27.53 -42.40
C VAL C 176 -25.13 27.40 -41.12
N HIS C 177 -24.99 28.52 -40.39
CA HIS C 177 -24.31 28.56 -39.11
C HIS C 177 -25.18 29.28 -38.13
N THR C 178 -25.88 28.52 -37.26
CA THR C 178 -26.66 29.10 -36.18
C THR C 178 -25.73 29.10 -34.95
N PHE C 179 -25.33 30.29 -34.48
CA PHE C 179 -24.43 30.44 -33.35
C PHE C 179 -25.08 30.14 -32.03
N PRO C 180 -24.29 29.62 -31.05
CA PRO C 180 -24.84 29.45 -29.69
C PRO C 180 -25.24 30.83 -29.10
N ALA C 181 -26.30 30.86 -28.30
CA ALA C 181 -26.75 32.08 -27.64
C ALA C 181 -25.70 32.66 -26.71
N VAL C 182 -25.74 33.97 -26.52
CA VAL C 182 -24.87 34.71 -25.63
C VAL C 182 -25.76 35.39 -24.59
N LEU C 183 -25.35 35.40 -23.33
CA LEU C 183 -26.10 36.05 -22.27
C LEU C 183 -25.59 37.48 -22.17
N GLN C 184 -26.48 38.45 -22.44
CA GLN C 184 -26.21 39.89 -22.41
C GLN C 184 -26.21 40.40 -20.98
N SER C 185 -25.59 41.57 -20.73
CA SER C 185 -25.58 42.21 -19.41
C SER C 185 -27.02 42.51 -18.92
N SER C 186 -27.99 42.61 -19.88
CA SER C 186 -29.43 42.83 -19.63
C SER C 186 -30.17 41.61 -19.03
N GLY C 187 -29.53 40.44 -19.02
CA GLY C 187 -30.14 39.20 -18.53
C GLY C 187 -30.94 38.46 -19.58
N LEU C 188 -30.87 38.92 -20.83
CA LEU C 188 -31.59 38.31 -21.94
C LEU C 188 -30.61 37.70 -22.91
N TYR C 189 -31.05 36.68 -23.62
CA TYR C 189 -30.22 35.98 -24.58
C TYR C 189 -30.30 36.59 -25.94
N SER C 190 -29.31 36.30 -26.77
CA SER C 190 -29.28 36.77 -28.14
C SER C 190 -28.42 35.82 -28.98
N LEU C 191 -28.85 35.56 -30.21
CA LEU C 191 -28.09 34.75 -31.16
C LEU C 191 -28.26 35.24 -32.59
N SER C 192 -27.43 34.73 -33.48
CA SER C 192 -27.48 34.99 -34.90
C SER C 192 -27.46 33.65 -35.62
N SER C 193 -28.08 33.64 -36.80
CA SER C 193 -28.03 32.52 -37.71
C SER C 193 -27.72 33.13 -39.05
N VAL C 194 -26.68 32.64 -39.69
CA VAL C 194 -26.22 33.11 -40.99
C VAL C 194 -26.22 31.97 -42.03
N VAL C 195 -26.19 32.35 -43.31
CA VAL C 195 -26.09 31.43 -44.44
C VAL C 195 -25.27 32.13 -45.53
N THR C 196 -24.35 31.37 -46.14
CA THR C 196 -23.51 31.76 -47.27
C THR C 196 -24.24 31.20 -48.52
N VAL C 197 -24.59 32.10 -49.46
CA VAL C 197 -25.35 31.80 -50.69
C VAL C 197 -24.61 32.34 -51.93
N PRO C 198 -24.86 31.84 -53.16
CA PRO C 198 -24.20 32.45 -54.34
C PRO C 198 -24.75 33.85 -54.60
N SER C 199 -23.92 34.75 -55.11
CA SER C 199 -24.29 36.14 -55.39
C SER C 199 -25.37 36.29 -56.47
N SER C 200 -25.32 35.41 -57.50
CA SER C 200 -26.25 35.38 -58.62
C SER C 200 -27.69 35.11 -58.17
N SER C 201 -27.85 34.19 -57.16
CA SER C 201 -29.15 33.76 -56.60
C SER C 201 -29.87 34.85 -55.80
N LEU C 202 -29.21 35.98 -55.49
CA LEU C 202 -29.84 37.10 -54.79
C LEU C 202 -30.72 37.81 -55.82
N GLY C 203 -31.90 38.24 -55.40
CA GLY C 203 -32.87 38.86 -56.30
C GLY C 203 -33.85 37.85 -56.86
N THR C 204 -33.33 36.69 -57.31
CA THR C 204 -34.13 35.57 -57.82
C THR C 204 -34.63 34.69 -56.66
N LYS C 205 -33.73 33.99 -55.93
CA LYS C 205 -34.08 33.13 -54.79
C LYS C 205 -34.43 33.92 -53.52
N THR C 206 -35.43 33.45 -52.76
CA THR C 206 -35.87 34.04 -51.49
C THR C 206 -35.20 33.33 -50.28
N TYR C 207 -34.91 34.09 -49.20
CA TYR C 207 -34.25 33.58 -47.98
C TYR C 207 -34.98 34.03 -46.75
N THR C 208 -35.70 33.10 -46.15
CA THR C 208 -36.54 33.34 -44.99
C THR C 208 -36.02 32.54 -43.83
N CYS C 209 -35.90 33.18 -42.68
CA CYS C 209 -35.47 32.44 -41.50
C CYS C 209 -36.69 32.25 -40.61
N ASN C 210 -36.81 31.04 -40.05
CA ASN C 210 -37.95 30.64 -39.22
C ASN C 210 -37.42 30.49 -37.83
N VAL C 211 -37.96 31.28 -36.95
CA VAL C 211 -37.51 31.37 -35.59
C VAL C 211 -38.66 30.96 -34.72
N ASP C 212 -38.38 30.03 -33.80
CA ASP C 212 -39.35 29.52 -32.85
C ASP C 212 -38.76 29.60 -31.42
N HIS C 213 -39.50 30.26 -30.54
CA HIS C 213 -39.19 30.37 -29.15
C HIS C 213 -40.42 29.83 -28.42
N LYS C 214 -40.42 28.51 -28.21
CA LYS C 214 -41.51 27.79 -27.54
C LYS C 214 -41.86 28.32 -26.14
N PRO C 215 -40.92 28.70 -25.24
CA PRO C 215 -41.34 29.17 -23.91
C PRO C 215 -42.30 30.37 -23.86
N SER C 216 -42.24 31.27 -24.86
CA SER C 216 -43.11 32.45 -24.90
C SER C 216 -44.18 32.28 -25.96
N ASN C 217 -44.14 31.13 -26.68
CA ASN C 217 -45.01 30.78 -27.79
C ASN C 217 -44.85 31.83 -28.92
N THR C 218 -43.61 32.04 -29.34
CA THR C 218 -43.28 33.00 -30.39
C THR C 218 -42.83 32.22 -31.59
N LYS C 219 -43.44 32.51 -32.73
CA LYS C 219 -43.08 31.93 -34.01
C LYS C 219 -42.94 33.12 -34.95
N VAL C 220 -41.82 33.23 -35.67
CA VAL C 220 -41.52 34.36 -36.55
C VAL C 220 -40.86 33.88 -37.85
N ASP C 221 -41.35 34.35 -39.00
CA ASP C 221 -40.68 34.06 -40.27
C ASP C 221 -40.20 35.39 -40.81
N LYS C 222 -38.89 35.53 -41.03
CA LYS C 222 -38.37 36.78 -41.56
C LYS C 222 -37.61 36.59 -42.83
N ARG C 223 -38.11 37.23 -43.90
CA ARG C 223 -37.43 37.23 -45.20
C ARG C 223 -36.37 38.31 -45.09
N VAL C 224 -35.16 38.05 -45.59
CA VAL C 224 -34.00 38.94 -45.50
C VAL C 224 -33.57 39.48 -46.88
N GLU D 1 -9.23 19.18 0.19
CA GLU D 1 -9.90 18.99 -1.10
C GLU D 1 -9.05 18.26 -2.15
N ILE D 2 -9.63 17.27 -2.87
CA ILE D 2 -8.91 16.62 -3.98
C ILE D 2 -9.05 17.55 -5.18
N VAL D 3 -7.94 17.83 -5.87
CA VAL D 3 -7.94 18.63 -7.09
C VAL D 3 -7.37 17.75 -8.18
N LEU D 4 -8.11 17.62 -9.29
CA LEU D 4 -7.63 16.80 -10.43
C LEU D 4 -7.26 17.78 -11.50
N THR D 5 -6.01 17.70 -11.98
CA THR D 5 -5.51 18.62 -13.00
C THR D 5 -5.29 17.88 -14.28
N GLN D 6 -6.01 18.27 -15.32
CA GLN D 6 -5.91 17.66 -16.63
C GLN D 6 -5.04 18.52 -17.53
N SER D 7 -4.25 17.87 -18.35
CA SER D 7 -3.42 18.58 -19.33
C SER D 7 -3.31 17.77 -20.62
N PRO D 8 -3.22 18.48 -21.79
CA PRO D 8 -3.32 19.95 -21.95
C PRO D 8 -4.82 20.29 -21.95
N ALA D 9 -5.20 21.58 -21.97
CA ALA D 9 -6.61 22.00 -22.03
C ALA D 9 -7.26 21.60 -23.37
N THR D 10 -6.47 21.65 -24.45
CA THR D 10 -6.87 21.28 -25.81
C THR D 10 -5.75 20.47 -26.44
N LEU D 11 -6.11 19.40 -27.15
CA LEU D 11 -5.22 18.59 -27.95
C LEU D 11 -5.75 18.72 -29.39
N SER D 12 -4.94 19.20 -30.36
CA SER D 12 -5.36 19.32 -31.78
C SER D 12 -4.61 18.21 -32.51
N LEU D 13 -5.35 17.19 -32.93
CA LEU D 13 -4.73 16.05 -33.57
C LEU D 13 -5.47 15.62 -34.80
N SER D 14 -4.75 14.97 -35.71
CA SER D 14 -5.35 14.49 -36.95
C SER D 14 -6.01 13.16 -36.69
N PRO D 15 -7.07 12.77 -37.44
CA PRO D 15 -7.62 11.41 -37.29
C PRO D 15 -6.52 10.40 -37.61
N GLY D 16 -6.48 9.33 -36.86
CA GLY D 16 -5.50 8.26 -36.99
C GLY D 16 -4.36 8.41 -36.01
N GLU D 17 -4.16 9.63 -35.46
CA GLU D 17 -3.06 9.85 -34.51
C GLU D 17 -3.41 9.32 -33.12
N ARG D 18 -2.39 9.12 -32.30
CA ARG D 18 -2.52 8.70 -30.91
C ARG D 18 -2.77 9.93 -30.03
N ALA D 19 -3.75 9.84 -29.14
CA ALA D 19 -4.08 10.89 -28.18
C ALA D 19 -3.74 10.39 -26.82
N THR D 20 -2.88 11.10 -26.12
CA THR D 20 -2.50 10.78 -24.74
C THR D 20 -2.97 11.95 -23.85
N LEU D 21 -3.86 11.68 -22.91
CA LEU D 21 -4.43 12.71 -22.02
C LEU D 21 -3.97 12.41 -20.63
N SER D 22 -3.54 13.44 -19.94
CA SER D 22 -3.01 13.30 -18.61
C SER D 22 -3.95 13.88 -17.51
N CYS D 23 -3.96 13.23 -16.35
CA CYS D 23 -4.71 13.66 -15.16
C CYS D 23 -3.74 13.52 -13.97
N ARG D 24 -3.58 14.60 -13.21
CA ARG D 24 -2.76 14.61 -12.01
C ARG D 24 -3.64 14.89 -10.77
N ALA D 25 -3.58 13.99 -9.78
CA ALA D 25 -4.35 14.14 -8.53
C ALA D 25 -3.46 14.85 -7.49
N SER D 26 -4.04 15.78 -6.73
CA SER D 26 -3.32 16.54 -5.69
C SER D 26 -2.82 15.62 -4.54
N GLN D 27 -3.55 14.54 -4.28
CA GLN D 27 -3.23 13.54 -3.25
C GLN D 27 -3.59 12.20 -3.83
N SER D 28 -3.16 11.12 -3.18
CA SER D 28 -3.46 9.76 -3.61
C SER D 28 -4.98 9.51 -3.61
N ILE D 29 -5.46 8.81 -4.66
CA ILE D 29 -6.86 8.44 -4.87
C ILE D 29 -6.91 6.92 -5.14
N SER D 30 -5.82 6.22 -4.73
CA SER D 30 -5.65 4.80 -4.98
C SER D 30 -5.73 4.64 -6.53
N ASN D 31 -6.56 3.75 -7.04
CA ASN D 31 -6.73 3.59 -8.48
C ASN D 31 -8.15 3.96 -8.90
N ASN D 32 -8.90 4.59 -7.97
CA ASN D 32 -10.30 4.99 -8.21
C ASN D 32 -10.39 6.28 -9.03
N LEU D 33 -9.87 6.19 -10.26
CA LEU D 33 -9.84 7.26 -11.27
C LEU D 33 -10.54 6.69 -12.51
N HIS D 34 -11.51 7.44 -13.03
CA HIS D 34 -12.33 6.99 -14.16
C HIS D 34 -12.32 8.06 -15.25
N TRP D 35 -12.54 7.63 -16.47
CA TRP D 35 -12.50 8.57 -17.59
C TRP D 35 -13.83 8.67 -18.32
N TYR D 36 -14.22 9.89 -18.64
CA TYR D 36 -15.52 10.15 -19.30
C TYR D 36 -15.33 10.90 -20.57
N GLN D 37 -16.23 10.67 -21.51
CA GLN D 37 -16.25 11.39 -22.76
C GLN D 37 -17.52 12.22 -22.79
N GLN D 38 -17.45 13.46 -23.21
CA GLN D 38 -18.66 14.26 -23.36
C GLN D 38 -18.68 14.99 -24.70
N LYS D 39 -19.76 14.81 -25.48
CA LYS D 39 -19.97 15.49 -26.76
C LYS D 39 -20.97 16.62 -26.54
N PRO D 40 -20.97 17.66 -27.40
CA PRO D 40 -21.90 18.80 -27.20
C PRO D 40 -23.37 18.40 -27.13
N GLY D 41 -24.08 18.92 -26.13
CA GLY D 41 -25.50 18.63 -25.91
C GLY D 41 -25.82 17.24 -25.38
N GLN D 42 -24.80 16.48 -24.94
CA GLN D 42 -24.98 15.13 -24.42
C GLN D 42 -24.41 15.01 -23.01
N ALA D 43 -24.85 13.96 -22.31
CA ALA D 43 -24.41 13.61 -20.97
C ALA D 43 -23.02 12.97 -21.09
N PRO D 44 -22.17 13.03 -20.03
CA PRO D 44 -20.88 12.33 -20.09
C PRO D 44 -21.08 10.83 -20.25
N ARG D 45 -20.06 10.16 -20.76
CA ARG D 45 -20.13 8.73 -20.98
C ARG D 45 -18.88 8.08 -20.47
N LEU D 46 -19.01 7.11 -19.56
CA LEU D 46 -17.88 6.37 -19.00
C LEU D 46 -17.10 5.59 -20.06
N LEU D 47 -15.78 5.72 -20.05
CA LEU D 47 -14.91 5.00 -20.99
C LEU D 47 -14.09 3.92 -20.32
N ILE D 48 -13.32 4.30 -19.29
CA ILE D 48 -12.37 3.48 -18.52
C ILE D 48 -12.67 3.69 -17.04
N TYR D 49 -12.72 2.60 -16.23
CA TYR D 49 -12.91 2.74 -14.78
C TYR D 49 -11.75 2.08 -14.04
N TYR D 50 -11.54 2.48 -12.76
CA TYR D 50 -10.50 1.94 -11.87
C TYR D 50 -9.14 1.91 -12.58
N THR D 51 -8.77 3.08 -13.14
CA THR D 51 -7.52 3.40 -13.84
C THR D 51 -7.40 2.75 -15.23
N SER D 52 -7.57 1.43 -15.30
CA SER D 52 -7.29 0.69 -16.53
C SER D 52 -8.35 -0.30 -16.95
N ARG D 53 -9.41 -0.47 -16.14
CA ARG D 53 -10.43 -1.47 -16.44
C ARG D 53 -11.36 -1.05 -17.58
N SER D 54 -11.72 -2.06 -18.36
CA SER D 54 -12.52 -2.00 -19.57
C SER D 54 -14.00 -1.87 -19.22
N VAL D 55 -14.73 -1.05 -20.00
CA VAL D 55 -16.17 -0.77 -19.87
C VAL D 55 -16.89 -1.41 -21.06
N SER D 56 -18.01 -2.10 -20.81
CA SER D 56 -18.84 -2.79 -21.81
C SER D 56 -19.35 -1.80 -22.85
N GLY D 57 -19.11 -2.13 -24.11
CA GLY D 57 -19.54 -1.31 -25.24
C GLY D 57 -18.55 -0.26 -25.73
N ILE D 58 -17.44 -0.05 -24.97
CA ILE D 58 -16.41 0.93 -25.31
C ILE D 58 -15.35 0.31 -26.24
N PRO D 59 -14.99 0.97 -27.38
CA PRO D 59 -13.95 0.40 -28.28
C PRO D 59 -12.61 0.15 -27.60
N ALA D 60 -11.87 -0.85 -28.09
CA ALA D 60 -10.55 -1.28 -27.58
C ALA D 60 -9.44 -0.23 -27.73
N ARG D 61 -9.63 0.77 -28.61
CA ARG D 61 -8.66 1.84 -28.84
C ARG D 61 -8.41 2.72 -27.59
N PHE D 62 -9.37 2.68 -26.61
CA PHE D 62 -9.32 3.39 -25.33
C PHE D 62 -8.62 2.56 -24.26
N SER D 63 -7.59 3.12 -23.63
CA SER D 63 -6.88 2.45 -22.54
C SER D 63 -6.42 3.46 -21.51
N GLY D 64 -6.39 3.02 -20.27
CA GLY D 64 -5.97 3.88 -19.18
C GLY D 64 -4.82 3.26 -18.43
N SER D 65 -3.96 4.09 -17.84
CA SER D 65 -2.81 3.68 -17.04
C SER D 65 -2.59 4.72 -15.94
N GLY D 66 -1.92 4.31 -14.87
CA GLY D 66 -1.69 5.15 -13.70
C GLY D 66 -0.51 4.76 -12.85
N SER D 67 0.33 5.76 -12.51
CA SER D 67 1.53 5.61 -11.68
C SER D 67 1.46 6.63 -10.55
N GLY D 68 1.00 6.17 -9.38
CA GLY D 68 0.81 7.02 -8.21
C GLY D 68 -0.35 7.98 -8.38
N THR D 69 -0.05 9.31 -8.39
CA THR D 69 -1.03 10.39 -8.55
C THR D 69 -1.15 10.82 -10.03
N ASP D 70 -0.45 10.10 -10.91
CA ASP D 70 -0.39 10.39 -12.33
C ASP D 70 -1.18 9.38 -13.15
N PHE D 71 -2.17 9.86 -13.92
CA PHE D 71 -3.05 9.00 -14.72
C PHE D 71 -3.06 9.40 -16.18
N THR D 72 -3.30 8.44 -17.06
CA THR D 72 -3.26 8.67 -18.50
C THR D 72 -4.39 7.91 -19.20
N LEU D 73 -5.05 8.58 -20.12
CA LEU D 73 -6.02 7.97 -21.00
C LEU D 73 -5.33 8.03 -22.39
N THR D 74 -5.30 6.89 -23.10
CA THR D 74 -4.69 6.82 -24.43
C THR D 74 -5.76 6.36 -25.37
N ILE D 75 -5.90 7.05 -26.49
CA ILE D 75 -6.77 6.67 -27.59
C ILE D 75 -5.72 6.33 -28.65
N SER D 76 -5.55 5.00 -28.91
CA SER D 76 -4.49 4.47 -29.79
C SER D 76 -4.50 5.06 -31.18
N SER D 77 -5.67 5.25 -31.76
CA SER D 77 -5.81 5.85 -33.08
C SER D 77 -7.12 6.60 -33.08
N LEU D 78 -7.07 7.94 -33.24
CA LEU D 78 -8.27 8.77 -33.20
C LEU D 78 -9.19 8.56 -34.37
N GLU D 79 -10.47 8.28 -34.07
CA GLU D 79 -11.51 8.09 -35.08
C GLU D 79 -12.41 9.31 -35.04
N PRO D 80 -13.17 9.63 -36.11
CA PRO D 80 -13.97 10.88 -36.08
C PRO D 80 -14.90 11.06 -34.89
N GLU D 81 -15.41 9.95 -34.39
CA GLU D 81 -16.35 9.91 -33.28
C GLU D 81 -15.63 10.15 -31.91
N ASP D 82 -14.26 10.25 -31.89
CA ASP D 82 -13.47 10.42 -30.66
C ASP D 82 -13.16 11.87 -30.32
N PHE D 83 -13.47 12.78 -31.24
CA PHE D 83 -13.21 14.19 -31.03
C PHE D 83 -14.33 14.72 -30.17
N ALA D 84 -14.01 14.95 -28.91
CA ALA D 84 -14.95 15.36 -27.87
C ALA D 84 -14.14 15.94 -26.69
N VAL D 85 -14.79 16.23 -25.57
CA VAL D 85 -14.18 16.66 -24.32
C VAL D 85 -14.05 15.40 -23.45
N TYR D 86 -12.93 15.28 -22.74
CA TYR D 86 -12.66 14.16 -21.87
C TYR D 86 -12.42 14.64 -20.46
N TYR D 87 -13.06 13.99 -19.48
CA TYR D 87 -12.90 14.33 -18.07
C TYR D 87 -12.39 13.15 -17.31
N CYS D 88 -11.51 13.39 -16.33
CA CYS D 88 -11.11 12.32 -15.40
C CYS D 88 -11.98 12.59 -14.16
N GLY D 89 -12.40 11.56 -13.45
CA GLY D 89 -13.19 11.75 -12.25
C GLY D 89 -12.76 10.76 -11.18
N GLN D 90 -12.53 11.21 -9.94
CA GLN D 90 -12.15 10.28 -8.88
C GLN D 90 -13.36 10.00 -7.96
N ASN D 91 -13.45 8.82 -7.38
CA ASN D 91 -14.49 8.54 -6.40
C ASN D 91 -13.90 7.74 -5.26
N ASN D 92 -12.57 7.89 -5.06
CA ASN D 92 -11.90 7.25 -3.93
C ASN D 92 -12.45 7.83 -2.61
N GLU D 93 -12.80 9.12 -2.63
CA GLU D 93 -13.41 9.82 -1.52
C GLU D 93 -14.49 10.73 -2.04
N TRP D 94 -15.40 11.10 -1.14
CA TRP D 94 -16.44 12.06 -1.42
C TRP D 94 -16.00 13.37 -0.77
N PRO D 95 -16.28 14.53 -1.39
CA PRO D 95 -16.98 14.70 -2.67
C PRO D 95 -16.20 14.13 -3.86
N GLU D 96 -16.93 13.62 -4.85
CA GLU D 96 -16.34 13.16 -6.10
C GLU D 96 -15.82 14.45 -6.76
N VAL D 97 -14.67 14.36 -7.42
CA VAL D 97 -14.05 15.50 -8.06
C VAL D 97 -13.68 15.09 -9.47
N PHE D 98 -13.96 15.99 -10.43
CA PHE D 98 -13.71 15.86 -11.85
C PHE D 98 -12.63 16.84 -12.23
N GLY D 99 -11.82 16.45 -13.22
CA GLY D 99 -10.81 17.36 -13.77
C GLY D 99 -11.52 18.42 -14.60
N GLY D 100 -10.79 19.45 -15.02
CA GLY D 100 -11.36 20.52 -15.83
C GLY D 100 -11.67 20.17 -17.28
N GLY D 101 -11.31 18.95 -17.69
CA GLY D 101 -11.58 18.51 -19.06
C GLY D 101 -10.51 18.86 -20.07
N THR D 102 -10.31 17.97 -21.06
CA THR D 102 -9.38 18.18 -22.18
C THR D 102 -10.21 18.07 -23.46
N LYS D 103 -10.22 19.12 -24.29
CA LYS D 103 -10.91 19.05 -25.57
C LYS D 103 -9.99 18.42 -26.62
N VAL D 104 -10.48 17.38 -27.33
CA VAL D 104 -9.73 16.75 -28.40
C VAL D 104 -10.38 17.22 -29.67
N GLU D 105 -9.65 18.06 -30.38
CA GLU D 105 -10.12 18.73 -31.58
C GLU D 105 -9.40 18.25 -32.86
N ILE D 106 -10.08 18.31 -34.02
CA ILE D 106 -9.50 17.90 -35.29
C ILE D 106 -8.48 18.88 -35.78
N LYS D 107 -7.23 18.44 -36.00
CA LYS D 107 -6.18 19.27 -36.60
C LYS D 107 -6.33 19.09 -38.12
N ARG D 108 -6.40 20.17 -38.85
CA ARG D 108 -6.56 20.16 -40.31
C ARG D 108 -5.69 21.28 -40.82
N THR D 109 -5.66 21.49 -42.17
CA THR D 109 -4.84 22.57 -42.78
C THR D 109 -5.41 23.94 -42.42
N VAL D 110 -4.55 24.97 -42.47
CA VAL D 110 -4.97 26.34 -42.17
C VAL D 110 -5.97 26.80 -43.25
N ALA D 111 -7.05 27.40 -42.81
CA ALA D 111 -8.12 27.95 -43.65
C ALA D 111 -8.45 29.34 -43.14
N ALA D 112 -8.18 30.35 -43.98
CA ALA D 112 -8.46 31.76 -43.69
C ALA D 112 -9.98 31.95 -43.60
N PRO D 113 -10.50 32.81 -42.74
CA PRO D 113 -11.96 33.03 -42.74
C PRO D 113 -12.40 33.93 -43.91
N SER D 114 -13.70 33.86 -44.25
CA SER D 114 -14.37 34.75 -45.19
C SER D 114 -15.01 35.71 -44.22
N VAL D 115 -14.74 37.01 -44.36
CA VAL D 115 -15.26 38.02 -43.41
C VAL D 115 -16.37 38.81 -44.06
N PHE D 116 -17.42 39.12 -43.28
CA PHE D 116 -18.61 39.87 -43.67
C PHE D 116 -19.04 40.77 -42.51
N ILE D 117 -19.48 41.99 -42.84
CA ILE D 117 -20.00 42.94 -41.85
C ILE D 117 -21.46 43.21 -42.17
N PHE D 118 -22.27 43.40 -41.14
CA PHE D 118 -23.67 43.67 -41.28
C PHE D 118 -24.00 44.91 -40.49
N PRO D 119 -24.57 45.95 -41.17
CA PRO D 119 -24.98 47.16 -40.44
C PRO D 119 -26.22 46.88 -39.61
N PRO D 120 -26.58 47.72 -38.60
CA PRO D 120 -27.86 47.49 -37.91
C PRO D 120 -29.02 47.74 -38.86
N SER D 121 -30.21 47.23 -38.52
CA SER D 121 -31.41 47.36 -39.35
C SER D 121 -32.20 48.56 -38.87
N ASP D 122 -32.94 49.21 -39.81
CA ASP D 122 -33.75 50.39 -39.51
C ASP D 122 -34.79 50.09 -38.44
N GLU D 123 -35.38 48.89 -38.50
CA GLU D 123 -36.37 48.39 -37.54
C GLU D 123 -35.77 48.33 -36.14
N GLN D 124 -34.48 47.90 -36.04
CA GLN D 124 -33.79 47.86 -34.75
C GLN D 124 -33.48 49.30 -34.31
N LEU D 125 -32.94 50.10 -35.25
CA LEU D 125 -32.58 51.50 -35.00
C LEU D 125 -33.73 52.33 -34.41
N LYS D 126 -34.99 51.99 -34.78
CA LYS D 126 -36.21 52.61 -34.26
C LYS D 126 -36.39 52.34 -32.75
N SER D 127 -35.84 51.21 -32.24
CA SER D 127 -35.98 50.81 -30.83
C SER D 127 -34.99 51.47 -29.85
N GLY D 128 -33.96 52.16 -30.37
CA GLY D 128 -33.01 52.89 -29.55
C GLY D 128 -31.68 52.21 -29.30
N THR D 129 -31.43 51.09 -30.01
CA THR D 129 -30.19 50.30 -29.92
C THR D 129 -29.73 49.89 -31.31
N ALA D 130 -28.43 49.73 -31.48
CA ALA D 130 -27.80 49.36 -32.73
C ALA D 130 -26.82 48.20 -32.48
N SER D 131 -26.99 47.11 -33.24
CA SER D 131 -26.11 45.94 -33.20
C SER D 131 -25.42 45.83 -34.54
N VAL D 132 -24.10 45.74 -34.52
CA VAL D 132 -23.31 45.63 -35.73
C VAL D 132 -22.67 44.26 -35.63
N VAL D 133 -22.90 43.41 -36.65
CA VAL D 133 -22.42 42.05 -36.60
C VAL D 133 -21.30 41.84 -37.59
N CYS D 134 -20.27 41.15 -37.14
CA CYS D 134 -19.15 40.74 -37.95
C CYS D 134 -19.15 39.23 -37.96
N LEU D 135 -18.93 38.63 -39.12
CA LEU D 135 -18.95 37.20 -39.27
C LEU D 135 -17.67 36.69 -39.88
N LEU D 136 -17.07 35.67 -39.21
CA LEU D 136 -15.86 34.96 -39.66
C LEU D 136 -16.33 33.57 -40.05
N ASN D 137 -16.20 33.26 -41.32
CA ASN D 137 -16.73 32.06 -41.90
C ASN D 137 -15.71 31.03 -42.28
N ASN D 138 -15.94 29.80 -41.76
CA ASN D 138 -15.18 28.59 -42.02
C ASN D 138 -13.66 28.74 -41.98
N PHE D 139 -13.13 28.94 -40.74
CA PHE D 139 -11.69 29.09 -40.54
C PHE D 139 -11.09 28.04 -39.63
N TYR D 140 -9.80 27.82 -39.79
CA TYR D 140 -9.01 26.94 -38.99
C TYR D 140 -7.57 27.46 -38.95
N PRO D 141 -6.92 27.55 -37.76
CA PRO D 141 -7.40 27.16 -36.42
C PRO D 141 -8.39 28.15 -35.80
N ARG D 142 -8.92 27.76 -34.65
CA ARG D 142 -9.90 28.47 -33.84
C ARG D 142 -9.47 29.90 -33.43
N GLU D 143 -8.20 30.10 -33.10
CA GLU D 143 -7.64 31.40 -32.67
C GLU D 143 -7.82 32.48 -33.77
N ALA D 144 -8.59 33.50 -33.47
CA ALA D 144 -8.84 34.63 -34.36
C ALA D 144 -9.03 35.87 -33.51
N LYS D 145 -8.49 37.01 -33.98
CA LYS D 145 -8.63 38.29 -33.28
C LYS D 145 -9.54 39.19 -34.11
N VAL D 146 -10.62 39.65 -33.49
CA VAL D 146 -11.60 40.54 -34.11
C VAL D 146 -11.52 41.90 -33.41
N GLN D 147 -11.15 42.97 -34.15
CA GLN D 147 -11.09 44.34 -33.60
C GLN D 147 -12.16 45.19 -34.25
N TRP D 148 -13.01 45.78 -33.43
CA TRP D 148 -14.02 46.73 -33.87
C TRP D 148 -13.41 48.16 -33.80
N LYS D 149 -13.45 48.90 -34.91
CA LYS D 149 -12.96 50.28 -35.00
C LYS D 149 -14.11 51.19 -35.43
N VAL D 150 -14.54 52.11 -34.54
CA VAL D 150 -15.60 53.09 -34.80
C VAL D 150 -14.90 54.45 -35.04
N ASP D 151 -14.64 54.79 -36.33
CA ASP D 151 -13.94 56.00 -36.79
C ASP D 151 -12.49 55.99 -36.31
N ASN D 152 -11.83 54.84 -36.54
CA ASN D 152 -10.45 54.50 -36.20
C ASN D 152 -10.20 54.42 -34.67
N ALA D 153 -11.27 54.47 -33.89
CA ALA D 153 -11.20 54.33 -32.44
C ALA D 153 -11.46 52.85 -32.10
N LEU D 154 -10.46 52.17 -31.50
CA LEU D 154 -10.54 50.77 -31.11
C LEU D 154 -11.57 50.60 -30.03
N GLN D 155 -12.52 49.66 -30.23
CA GLN D 155 -13.58 49.39 -29.27
C GLN D 155 -13.21 48.26 -28.32
N SER D 156 -13.72 48.32 -27.07
CA SER D 156 -13.43 47.33 -26.06
C SER D 156 -14.53 47.32 -25.06
N GLY D 157 -14.93 46.11 -24.63
CA GLY D 157 -15.97 45.89 -23.63
C GLY D 157 -17.41 46.06 -24.10
N ASN D 158 -17.60 46.40 -25.38
CA ASN D 158 -18.94 46.65 -25.93
C ASN D 158 -19.34 45.61 -27.02
N SER D 159 -18.57 44.51 -27.15
CA SER D 159 -18.82 43.43 -28.07
C SER D 159 -18.80 42.03 -27.40
N GLN D 160 -19.51 41.08 -28.01
CA GLN D 160 -19.61 39.68 -27.58
C GLN D 160 -19.42 38.78 -28.80
N GLU D 161 -18.56 37.77 -28.64
CA GLU D 161 -18.22 36.76 -29.63
C GLU D 161 -19.02 35.49 -29.37
N SER D 162 -19.21 34.68 -30.42
CA SER D 162 -19.90 33.39 -30.35
C SER D 162 -19.27 32.55 -31.44
N VAL D 163 -18.86 31.33 -31.09
CA VAL D 163 -18.18 30.41 -32.00
C VAL D 163 -19.01 29.15 -32.12
N THR D 164 -19.06 28.58 -33.33
CA THR D 164 -19.75 27.30 -33.54
C THR D 164 -18.80 26.15 -33.10
N GLU D 165 -19.33 24.93 -33.02
CA GLU D 165 -18.56 23.71 -32.78
C GLU D 165 -17.89 23.40 -34.13
N GLN D 166 -16.77 22.69 -34.08
CA GLN D 166 -16.02 22.32 -35.26
C GLN D 166 -16.95 21.58 -36.27
N ASP D 167 -17.01 22.08 -37.51
CA ASP D 167 -17.88 21.53 -38.54
C ASP D 167 -17.60 20.06 -38.82
N SER D 168 -18.65 19.23 -38.88
CA SER D 168 -18.50 17.80 -39.13
C SER D 168 -17.99 17.48 -40.55
N LYS D 169 -18.22 18.37 -41.51
CA LYS D 169 -17.84 18.15 -42.90
C LYS D 169 -16.48 18.75 -43.29
N ASP D 170 -16.13 19.94 -42.81
CA ASP D 170 -14.84 20.50 -43.23
C ASP D 170 -13.90 20.81 -42.04
N SER D 171 -14.35 20.51 -40.80
CA SER D 171 -13.55 20.72 -39.56
C SER D 171 -13.15 22.17 -39.29
N THR D 172 -13.94 23.12 -39.80
CA THR D 172 -13.67 24.53 -39.54
C THR D 172 -14.60 25.07 -38.43
N TYR D 173 -14.32 26.29 -37.98
CA TYR D 173 -15.12 27.02 -37.02
C TYR D 173 -15.70 28.24 -37.72
N SER D 174 -16.76 28.77 -37.15
CA SER D 174 -17.33 30.04 -37.61
C SER D 174 -17.57 30.88 -36.39
N LEU D 175 -17.40 32.20 -36.52
CA LEU D 175 -17.54 33.09 -35.37
C LEU D 175 -18.34 34.32 -35.73
N SER D 176 -19.19 34.77 -34.81
CA SER D 176 -19.91 36.00 -34.94
C SER D 176 -19.47 36.96 -33.80
N SER D 177 -19.17 38.24 -34.12
CA SER D 177 -18.87 39.25 -33.11
C SER D 177 -19.92 40.36 -33.27
N THR D 178 -20.61 40.69 -32.20
CA THR D 178 -21.64 41.69 -32.18
C THR D 178 -21.24 42.92 -31.33
N LEU D 179 -21.20 44.12 -31.96
CA LEU D 179 -20.94 45.39 -31.28
C LEU D 179 -22.30 46.01 -30.90
N THR D 180 -22.55 46.23 -29.60
CA THR D 180 -23.80 46.83 -29.13
C THR D 180 -23.54 48.29 -28.73
N LEU D 181 -24.25 49.24 -29.37
CA LEU D 181 -24.16 50.68 -29.10
C LEU D 181 -25.56 51.19 -29.05
N SER D 182 -25.80 52.26 -28.26
CA SER D 182 -27.10 52.93 -28.23
C SER D 182 -27.29 53.66 -29.57
N LYS D 183 -28.55 53.92 -29.98
CA LYS D 183 -28.89 54.65 -31.23
C LYS D 183 -28.15 56.01 -31.22
N ALA D 184 -28.20 56.70 -30.04
CA ALA D 184 -27.54 57.98 -29.79
C ALA D 184 -26.07 57.92 -30.16
N ASP D 185 -25.31 56.98 -29.54
CA ASP D 185 -23.90 56.78 -29.81
C ASP D 185 -23.63 56.38 -31.25
N TYR D 186 -24.44 55.45 -31.79
CA TYR D 186 -24.29 54.96 -33.17
C TYR D 186 -24.44 56.09 -34.20
N GLU D 187 -25.43 56.99 -34.01
CA GLU D 187 -25.66 58.07 -34.97
C GLU D 187 -24.57 59.16 -34.93
N LYS D 188 -23.73 59.17 -33.88
CA LYS D 188 -22.65 60.14 -33.75
C LYS D 188 -21.41 59.81 -34.56
N HIS D 189 -21.37 58.67 -35.31
CA HIS D 189 -20.15 58.25 -36.05
C HIS D 189 -20.38 57.79 -37.50
N LYS D 190 -19.32 57.72 -38.31
CA LYS D 190 -19.40 57.36 -39.72
C LYS D 190 -18.90 55.93 -40.09
N VAL D 191 -17.58 55.68 -40.07
CA VAL D 191 -16.96 54.42 -40.47
C VAL D 191 -16.98 53.36 -39.37
N TYR D 192 -17.66 52.25 -39.65
CA TYR D 192 -17.76 51.07 -38.77
C TYR D 192 -16.99 49.99 -39.43
N ALA D 193 -15.93 49.54 -38.76
CA ALA D 193 -15.04 48.56 -39.31
C ALA D 193 -14.80 47.38 -38.37
N CYS D 194 -14.46 46.24 -38.97
CA CYS D 194 -14.20 44.99 -38.32
C CYS D 194 -12.87 44.50 -38.88
N GLU D 195 -11.82 44.48 -38.06
CA GLU D 195 -10.48 44.05 -38.47
C GLU D 195 -10.20 42.63 -37.95
N VAL D 196 -9.80 41.75 -38.86
CA VAL D 196 -9.61 40.36 -38.53
C VAL D 196 -8.18 39.94 -38.72
N THR D 197 -7.65 39.34 -37.66
CA THR D 197 -6.30 38.77 -37.60
C THR D 197 -6.50 37.28 -37.44
N HIS D 198 -5.86 36.52 -38.35
CA HIS D 198 -5.91 35.06 -38.37
C HIS D 198 -4.68 34.54 -39.09
N GLN D 199 -4.16 33.40 -38.63
CA GLN D 199 -3.02 32.67 -39.18
C GLN D 199 -3.15 32.49 -40.72
N GLY D 200 -4.36 32.23 -41.21
CA GLY D 200 -4.67 32.08 -42.63
C GLY D 200 -4.53 33.35 -43.44
N LEU D 201 -4.53 34.52 -42.77
CA LEU D 201 -4.44 35.85 -43.37
C LEU D 201 -3.03 36.41 -43.23
N SER D 202 -2.36 36.64 -44.38
CA SER D 202 -1.01 37.19 -44.49
C SER D 202 -0.91 38.57 -43.85
N SER D 203 -1.99 39.33 -43.91
CA SER D 203 -2.13 40.67 -43.31
C SER D 203 -3.58 40.76 -42.82
N PRO D 204 -3.92 41.58 -41.80
CA PRO D 204 -5.31 41.62 -41.35
C PRO D 204 -6.29 42.00 -42.44
N VAL D 205 -7.55 41.58 -42.29
CA VAL D 205 -8.59 41.89 -43.26
C VAL D 205 -9.59 42.80 -42.60
N THR D 206 -9.86 43.95 -43.21
CA THR D 206 -10.84 44.89 -42.66
C THR D 206 -12.09 44.91 -43.55
N LYS D 207 -13.26 44.87 -42.92
CA LYS D 207 -14.55 44.99 -43.58
C LYS D 207 -15.22 46.15 -42.91
N SER D 208 -15.74 47.08 -43.72
CA SER D 208 -16.41 48.27 -43.19
C SER D 208 -17.55 48.74 -44.06
N PHE D 209 -18.37 49.61 -43.48
CA PHE D 209 -19.44 50.34 -44.12
C PHE D 209 -19.47 51.75 -43.50
N ASN D 210 -20.18 52.70 -44.14
CA ASN D 210 -20.37 54.05 -43.61
C ASN D 210 -21.83 54.17 -43.23
N ARG D 211 -22.13 54.66 -42.03
CA ARG D 211 -23.52 54.82 -41.59
C ARG D 211 -24.25 55.76 -42.58
N GLY D 212 -25.47 55.38 -42.94
CA GLY D 212 -26.28 56.14 -43.89
C GLY D 212 -26.38 55.47 -45.24
N GLU D 213 -25.44 54.57 -45.61
CA GLU D 213 -25.49 53.86 -46.89
C GLU D 213 -26.48 52.70 -46.78
N LYS E 3 -6.47 -7.33 8.08
CA LYS E 3 -6.39 -8.60 8.81
C LYS E 3 -5.46 -8.53 10.04
N GLU E 4 -5.96 -9.02 11.21
CA GLU E 4 -5.27 -9.06 12.50
C GLU E 4 -4.24 -10.18 12.51
N LEU E 5 -2.96 -9.79 12.55
CA LEU E 5 -1.85 -10.74 12.48
C LEU E 5 -1.17 -10.98 13.80
N ARG E 6 -1.49 -10.15 14.80
CA ARG E 6 -0.96 -10.18 16.18
C ARG E 6 -1.81 -9.25 17.04
N CYS E 7 -1.64 -9.24 18.36
CA CYS E 7 -2.40 -8.31 19.24
C CYS E 7 -2.03 -6.85 18.92
N GLN E 8 -3.04 -5.99 18.89
CA GLN E 8 -2.92 -4.56 18.61
C GLN E 8 -2.70 -3.77 19.89
N CYS E 9 -3.24 -4.26 21.00
CA CYS E 9 -3.27 -3.55 22.26
C CYS E 9 -2.41 -4.17 23.33
N ILE E 10 -1.36 -3.45 23.77
CA ILE E 10 -0.52 -3.92 24.87
C ILE E 10 -1.03 -3.34 26.21
N LYS E 11 -1.53 -2.11 26.18
CA LYS E 11 -2.06 -1.26 27.26
C LYS E 11 -3.43 -0.78 26.77
N THR E 12 -4.29 -0.32 27.71
CA THR E 12 -5.61 0.26 27.40
C THR E 12 -5.78 1.61 28.09
N TYR E 13 -6.59 2.51 27.50
CA TYR E 13 -6.88 3.82 28.08
C TYR E 13 -7.88 3.58 29.21
N SER E 14 -7.51 3.97 30.41
CA SER E 14 -8.28 3.63 31.59
C SER E 14 -9.26 4.70 32.10
N LYS E 15 -9.10 5.97 31.68
CA LYS E 15 -9.95 7.08 32.13
C LYS E 15 -11.29 7.08 31.42
N PRO E 16 -12.42 6.71 32.11
CA PRO E 16 -13.72 6.73 31.43
C PRO E 16 -14.07 8.09 30.84
N PHE E 17 -14.79 8.04 29.72
CA PHE E 17 -15.28 9.20 28.98
C PHE E 17 -16.67 8.92 28.39
N HIS E 18 -17.36 9.97 27.92
CA HIS E 18 -18.69 9.82 27.36
C HIS E 18 -18.62 9.19 25.97
N PRO E 19 -19.48 8.21 25.69
CA PRO E 19 -19.45 7.53 24.37
C PRO E 19 -19.66 8.42 23.15
N LYS E 20 -20.20 9.66 23.32
CA LYS E 20 -20.43 10.63 22.25
C LYS E 20 -19.15 10.98 21.48
N PHE E 21 -17.98 10.86 22.13
CA PHE E 21 -16.67 11.16 21.54
C PHE E 21 -16.11 10.00 20.66
N ILE E 22 -16.77 8.82 20.71
CA ILE E 22 -16.43 7.62 19.94
C ILE E 22 -17.13 7.67 18.58
N LYS E 23 -16.31 7.77 17.52
CA LYS E 23 -16.81 7.80 16.16
C LYS E 23 -16.79 6.41 15.51
N GLU E 24 -15.94 5.52 16.02
CA GLU E 24 -15.84 4.16 15.50
C GLU E 24 -15.49 3.23 16.65
N LEU E 25 -16.26 2.16 16.79
CA LEU E 25 -16.01 1.14 17.78
C LEU E 25 -15.68 -0.14 17.03
N ARG E 26 -14.56 -0.76 17.37
CA ARG E 26 -14.09 -2.01 16.76
C ARG E 26 -13.82 -3.04 17.86
N VAL E 27 -14.61 -4.15 17.84
CA VAL E 27 -14.45 -5.26 18.79
C VAL E 27 -13.80 -6.41 18.02
N ILE E 28 -12.64 -6.87 18.47
CA ILE E 28 -11.91 -7.97 17.82
C ILE E 28 -11.88 -9.17 18.77
N GLU E 29 -12.51 -10.28 18.36
CA GLU E 29 -12.57 -11.51 19.13
C GLU E 29 -11.23 -12.22 19.13
N SER E 30 -10.92 -12.97 20.22
CA SER E 30 -9.70 -13.77 20.31
C SER E 30 -9.67 -14.79 19.15
N GLY E 31 -8.49 -15.02 18.59
CA GLY E 31 -8.31 -15.94 17.48
C GLY E 31 -6.95 -16.61 17.47
N PRO E 32 -6.52 -17.16 16.32
CA PRO E 32 -5.19 -17.83 16.28
C PRO E 32 -4.00 -16.87 16.49
N HIS E 33 -4.17 -15.57 16.16
CA HIS E 33 -3.12 -14.53 16.28
C HIS E 33 -3.17 -13.66 17.57
N CYS E 34 -4.26 -13.69 18.35
CA CYS E 34 -4.39 -12.92 19.61
C CYS E 34 -5.28 -13.68 20.56
N ALA E 35 -4.78 -13.97 21.76
CA ALA E 35 -5.49 -14.78 22.77
C ALA E 35 -6.60 -14.03 23.53
N ASN E 36 -6.76 -12.74 23.25
CA ASN E 36 -7.75 -11.94 23.98
C ASN E 36 -8.57 -11.10 23.08
N THR E 37 -9.78 -10.78 23.58
CA THR E 37 -10.68 -9.86 22.92
C THR E 37 -10.05 -8.47 23.02
N GLU E 38 -10.10 -7.71 21.95
CA GLU E 38 -9.52 -6.36 21.95
C GLU E 38 -10.57 -5.36 21.54
N ILE E 39 -10.47 -4.15 22.06
CA ILE E 39 -11.38 -3.05 21.73
C ILE E 39 -10.57 -1.85 21.29
N ILE E 40 -10.88 -1.34 20.10
CA ILE E 40 -10.24 -0.15 19.55
C ILE E 40 -11.35 0.80 19.16
N VAL E 41 -11.28 2.01 19.70
CA VAL E 41 -12.23 3.06 19.36
C VAL E 41 -11.49 4.12 18.59
N LYS E 42 -12.18 4.81 17.67
CA LYS E 42 -11.57 5.91 16.94
C LYS E 42 -12.24 7.19 17.37
N LEU E 43 -11.44 8.15 17.78
CA LEU E 43 -11.96 9.41 18.29
C LEU E 43 -12.26 10.37 17.15
N SER E 44 -12.89 11.52 17.49
CA SER E 44 -13.23 12.58 16.51
C SER E 44 -12.00 13.04 15.69
N ASP E 45 -10.84 13.22 16.36
CA ASP E 45 -9.57 13.65 15.76
C ASP E 45 -8.96 12.62 14.81
N GLY E 46 -9.40 11.36 14.91
CA GLY E 46 -8.91 10.26 14.09
C GLY E 46 -7.95 9.32 14.80
N ARG E 47 -7.63 9.64 16.07
CA ARG E 47 -6.76 8.84 16.93
C ARG E 47 -7.50 7.56 17.34
N GLU E 48 -6.78 6.42 17.25
CA GLU E 48 -7.26 5.09 17.63
C GLU E 48 -6.78 4.85 19.05
N LEU E 49 -7.71 4.43 19.93
CA LEU E 49 -7.49 4.14 21.35
C LEU E 49 -7.86 2.72 21.65
N CYS E 50 -7.04 2.05 22.45
CA CYS E 50 -7.28 0.72 22.97
C CYS E 50 -8.08 0.86 24.29
N LEU E 51 -9.18 0.11 24.43
CA LEU E 51 -10.02 0.09 25.65
C LEU E 51 -10.07 -1.30 26.22
N ASP E 52 -10.19 -1.41 27.54
CA ASP E 52 -10.22 -2.71 28.24
C ASP E 52 -11.60 -3.35 28.20
N PRO E 53 -11.76 -4.52 27.53
CA PRO E 53 -13.07 -5.18 27.50
C PRO E 53 -13.53 -5.72 28.85
N LYS E 54 -12.59 -5.83 29.81
CA LYS E 54 -12.83 -6.33 31.18
C LYS E 54 -13.33 -5.21 32.11
N GLU E 55 -13.30 -3.95 31.66
CA GLU E 55 -13.78 -2.82 32.48
C GLU E 55 -15.26 -2.60 32.22
N ASN E 56 -16.03 -2.44 33.31
CA ASN E 56 -17.48 -2.28 33.27
C ASN E 56 -17.94 -1.07 32.46
N TRP E 57 -17.24 0.07 32.57
CA TRP E 57 -17.60 1.27 31.82
C TRP E 57 -17.49 1.03 30.29
N VAL E 58 -16.50 0.22 29.86
CA VAL E 58 -16.30 -0.15 28.47
C VAL E 58 -17.44 -1.09 28.05
N GLN E 59 -17.74 -2.12 28.88
CA GLN E 59 -18.85 -3.04 28.59
C GLN E 59 -20.15 -2.27 28.38
N ARG E 60 -20.39 -1.19 29.17
CA ARG E 60 -21.59 -0.34 29.07
C ARG E 60 -21.61 0.45 27.77
N VAL E 61 -20.46 1.00 27.32
CA VAL E 61 -20.42 1.77 26.07
C VAL E 61 -20.77 0.85 24.88
N VAL E 62 -20.34 -0.43 24.92
CA VAL E 62 -20.62 -1.42 23.87
C VAL E 62 -22.11 -1.82 23.92
N GLU E 63 -22.61 -2.19 25.11
CA GLU E 63 -24.01 -2.60 25.35
C GLU E 63 -25.05 -1.54 24.97
N LYS E 64 -24.72 -0.24 25.10
CA LYS E 64 -25.67 0.81 24.72
C LYS E 64 -25.31 1.57 23.43
N PHE E 65 -24.31 1.09 22.64
CA PHE E 65 -23.83 1.74 21.40
C PHE E 65 -24.86 1.76 20.24
N LEU E 66 -25.74 0.74 20.20
CA LEU E 66 -26.81 0.51 19.21
C LEU E 66 -26.29 0.30 17.80
N ALA F 2 -7.23 2.84 6.69
CA ALA F 2 -7.82 3.00 8.02
C ALA F 2 -8.92 4.07 8.03
N LYS F 3 -8.74 5.19 7.28
CA LYS F 3 -9.68 6.32 7.21
C LYS F 3 -10.85 6.13 6.21
N GLU F 4 -12.09 6.36 6.68
CA GLU F 4 -13.35 6.23 5.94
C GLU F 4 -13.52 7.45 5.06
N LEU F 5 -13.49 7.26 3.74
CA LEU F 5 -13.54 8.37 2.80
C LEU F 5 -14.89 8.55 2.12
N ARG F 6 -15.76 7.56 2.26
CA ARG F 6 -17.12 7.51 1.68
C ARG F 6 -17.86 6.34 2.34
N CYS F 7 -19.18 6.20 2.11
CA CYS F 7 -19.96 5.07 2.65
C CYS F 7 -19.47 3.77 2.01
N GLN F 8 -19.33 2.72 2.82
CA GLN F 8 -18.86 1.42 2.35
C GLN F 8 -19.99 0.47 2.13
N CYS F 9 -21.18 0.81 2.63
CA CYS F 9 -22.33 -0.06 2.56
C CYS F 9 -23.49 0.56 1.84
N ILE F 10 -23.82 0.04 0.66
CA ILE F 10 -25.03 0.51 -0.05
C ILE F 10 -26.28 -0.34 0.35
N LYS F 11 -26.04 -1.64 0.51
CA LYS F 11 -26.94 -2.73 0.84
C LYS F 11 -26.32 -3.44 2.06
N THR F 12 -27.18 -4.14 2.83
CA THR F 12 -26.75 -4.90 4.01
C THR F 12 -27.21 -6.35 3.89
N TYR F 13 -26.50 -7.27 4.57
CA TYR F 13 -26.86 -8.69 4.60
C TYR F 13 -28.06 -8.82 5.50
N SER F 14 -29.15 -9.30 4.96
CA SER F 14 -30.44 -9.32 5.68
C SER F 14 -30.80 -10.61 6.40
N LYS F 15 -30.16 -11.74 6.05
CA LYS F 15 -30.45 -13.05 6.64
C LYS F 15 -29.79 -13.20 8.01
N PRO F 16 -30.54 -13.13 9.14
CA PRO F 16 -29.90 -13.31 10.44
C PRO F 16 -29.12 -14.62 10.54
N PHE F 17 -27.94 -14.58 11.16
CA PHE F 17 -27.08 -15.74 11.35
C PHE F 17 -26.51 -15.68 12.77
N HIS F 18 -25.93 -16.79 13.25
CA HIS F 18 -25.37 -16.87 14.62
C HIS F 18 -24.17 -15.96 14.85
N PRO F 19 -24.18 -15.11 15.93
CA PRO F 19 -23.01 -14.22 16.20
C PRO F 19 -21.66 -14.94 16.35
N LYS F 20 -21.67 -16.28 16.56
CA LYS F 20 -20.45 -17.08 16.69
C LYS F 20 -19.55 -17.01 15.43
N PHE F 21 -20.15 -16.69 14.27
CA PHE F 21 -19.46 -16.54 12.97
C PHE F 21 -18.79 -15.17 12.80
N ILE F 22 -19.01 -14.24 13.76
CA ILE F 22 -18.45 -12.89 13.76
C ILE F 22 -17.15 -12.87 14.55
N LYS F 23 -16.04 -12.59 13.85
CA LYS F 23 -14.73 -12.52 14.45
C LYS F 23 -14.34 -11.07 14.75
N GLU F 24 -14.93 -10.14 14.03
CA GLU F 24 -14.67 -8.71 14.22
C GLU F 24 -15.94 -7.90 13.95
N LEU F 25 -16.23 -6.98 14.85
CA LEU F 25 -17.38 -6.11 14.72
C LEU F 25 -16.86 -4.69 14.61
N ARG F 26 -17.34 -3.96 13.62
CA ARG F 26 -16.94 -2.58 13.43
C ARG F 26 -18.18 -1.70 13.26
N VAL F 27 -18.40 -0.79 14.23
CA VAL F 27 -19.50 0.18 14.19
C VAL F 27 -18.92 1.54 13.78
N ILE F 28 -19.38 2.11 12.66
CA ILE F 28 -18.89 3.39 12.15
C ILE F 28 -20.04 4.40 12.23
N GLU F 29 -19.90 5.39 13.10
CA GLU F 29 -20.86 6.48 13.28
C GLU F 29 -20.81 7.36 12.05
N SER F 30 -21.94 8.02 11.76
CA SER F 30 -22.05 9.00 10.69
C SER F 30 -21.03 10.14 10.91
N GLY F 31 -20.46 10.63 9.82
CA GLY F 31 -19.43 11.67 9.86
C GLY F 31 -19.45 12.56 8.64
N PRO F 32 -18.36 13.31 8.36
CA PRO F 32 -18.37 14.20 7.18
C PRO F 32 -18.43 13.47 5.83
N HIS F 33 -17.94 12.20 5.77
CA HIS F 33 -17.88 11.36 4.56
C HIS F 33 -19.04 10.34 4.38
N CYS F 34 -19.86 10.08 5.44
CA CYS F 34 -21.00 9.17 5.38
C CYS F 34 -22.09 9.64 6.32
N ALA F 35 -23.31 9.83 5.80
CA ALA F 35 -24.45 10.36 6.55
C ALA F 35 -25.16 9.39 7.51
N ASN F 36 -24.85 8.11 7.41
CA ASN F 36 -25.49 7.12 8.24
C ASN F 36 -24.48 6.26 8.97
N THR F 37 -24.93 5.62 10.05
CA THR F 37 -24.17 4.67 10.83
C THR F 37 -24.00 3.42 9.97
N GLU F 38 -22.81 2.82 9.98
CA GLU F 38 -22.58 1.61 9.21
C GLU F 38 -22.04 0.53 10.13
N ILE F 39 -22.36 -0.72 9.81
CA ILE F 39 -21.85 -1.88 10.53
C ILE F 39 -21.17 -2.81 9.55
N ILE F 40 -19.92 -3.15 9.85
CA ILE F 40 -19.13 -4.09 9.07
C ILE F 40 -18.63 -5.15 10.01
N VAL F 41 -18.83 -6.35 9.58
CA VAL F 41 -18.46 -7.52 10.33
C VAL F 41 -17.41 -8.29 9.52
N LYS F 42 -16.46 -8.94 10.20
CA LYS F 42 -15.52 -9.81 9.53
C LYS F 42 -15.88 -11.25 9.97
N LEU F 43 -16.06 -12.16 9.00
CA LEU F 43 -16.41 -13.56 9.25
C LEU F 43 -15.17 -14.42 9.49
N SER F 44 -15.37 -15.69 9.88
CA SER F 44 -14.30 -16.66 10.13
C SER F 44 -13.38 -16.82 8.90
N ASP F 45 -13.98 -16.87 7.69
CA ASP F 45 -13.26 -17.01 6.41
C ASP F 45 -12.42 -15.78 6.03
N GLY F 46 -12.70 -14.63 6.67
CA GLY F 46 -12.01 -13.37 6.40
C GLY F 46 -12.81 -12.37 5.58
N ARG F 47 -13.99 -12.79 5.11
CA ARG F 47 -14.93 -11.97 4.34
C ARG F 47 -15.57 -10.91 5.24
N GLU F 48 -15.64 -9.68 4.73
CA GLU F 48 -16.27 -8.53 5.39
C GLU F 48 -17.71 -8.44 4.87
N LEU F 49 -18.63 -8.11 5.76
CA LEU F 49 -20.05 -8.05 5.46
C LEU F 49 -20.73 -6.79 6.09
N CYS F 50 -21.58 -6.13 5.33
CA CYS F 50 -22.35 -4.97 5.77
C CYS F 50 -23.63 -5.45 6.46
N LEU F 51 -23.91 -4.94 7.68
CA LEU F 51 -25.14 -5.29 8.44
C LEU F 51 -25.94 -4.04 8.72
N ASP F 52 -27.27 -4.14 8.78
CA ASP F 52 -28.15 -3.00 9.00
C ASP F 52 -28.27 -2.64 10.47
N PRO F 53 -27.80 -1.44 10.87
CA PRO F 53 -27.90 -1.04 12.28
C PRO F 53 -29.34 -0.82 12.75
N LYS F 54 -30.28 -0.66 11.80
CA LYS F 54 -31.71 -0.44 12.05
C LYS F 54 -32.47 -1.76 12.27
N GLU F 55 -31.82 -2.93 12.03
CA GLU F 55 -32.45 -4.23 12.25
C GLU F 55 -32.20 -4.68 13.67
N ASN F 56 -33.26 -5.16 14.33
CA ASN F 56 -33.23 -5.60 15.73
C ASN F 56 -32.25 -6.72 16.00
N TRP F 57 -32.15 -7.71 15.09
CA TRP F 57 -31.23 -8.83 15.26
C TRP F 57 -29.76 -8.36 15.28
N VAL F 58 -29.45 -7.30 14.49
CA VAL F 58 -28.13 -6.70 14.44
C VAL F 58 -27.88 -5.93 15.75
N GLN F 59 -28.86 -5.12 16.19
CA GLN F 59 -28.77 -4.40 17.47
C GLN F 59 -28.46 -5.37 18.60
N ARG F 60 -29.09 -6.58 18.60
CA ARG F 60 -28.88 -7.60 19.63
C ARG F 60 -27.48 -8.20 19.56
N VAL F 61 -26.93 -8.43 18.35
CA VAL F 61 -25.58 -9.00 18.26
C VAL F 61 -24.55 -8.01 18.85
N VAL F 62 -24.75 -6.68 18.64
CA VAL F 62 -23.88 -5.62 19.17
C VAL F 62 -24.03 -5.51 20.69
N GLU F 63 -25.29 -5.41 21.19
CA GLU F 63 -25.62 -5.30 22.62
C GLU F 63 -25.13 -6.47 23.47
N LYS F 64 -25.08 -7.69 22.87
CA LYS F 64 -24.68 -8.92 23.56
C LYS F 64 -23.29 -9.40 23.13
N PHE F 65 -22.48 -8.55 22.49
CA PHE F 65 -21.15 -8.96 22.01
C PHE F 65 -20.08 -9.04 23.10
N LEU F 66 -20.15 -8.16 24.14
CA LEU F 66 -19.24 -8.08 25.30
C LEU F 66 -17.82 -7.72 24.91
#